data_3WL4
#
_entry.id   3WL4
#
_cell.length_a   113.894
_cell.length_b   113.894
_cell.length_c   201.029
_cell.angle_alpha   90.00
_cell.angle_beta   90.00
_cell.angle_gamma   120.00
#
_symmetry.space_group_name_H-M   'H 3'
#
loop_
_entity.id
_entity.type
_entity.pdbx_description
1 polymer 'Uncharacterized protein'
2 non-polymer 'CADMIUM ION'
3 non-polymer 'CALCIUM ION'
4 non-polymer 'CHLORIDE ION'
5 non-polymer TRIS(HYDROXYETHYL)AMINOMETHANE
6 non-polymer HEXANE-1,6-DIOL
7 non-polymer HEXAN-1-OL
8 water water
#
_entity_poly.entity_id   1
_entity_poly.type   'polypeptide(L)'
_entity_poly.pdbx_seq_one_letter_code
;(MSE)FENVSTFEEAFNKLLKEVLEFNLENPFEDAKKVICIEPHPDDCAIG(MSE)GGTIKKLSDEGVEVIYIC(MSE)T
DGY(MSE)GTTDEKLSGHELALIRRREEEESAKLLGVRKIYWLNYRDTELPYSREVRKDLVKIIRKEKPDGVFAPDPWLP
YESHPDHRRTGFLAIESVAFSQLPNFSNIDIDIGLKPHSVSFIALYYTHKPNYIVDITDL(MSE)ELKLKAIRAHRSQFT
DDIWETWEPFLRTVT(MSE)FYGEKIGVRYGEGFRV(MSE)PGLFYHITPFADLI
;
_entity_poly.pdbx_strand_id   A,B
#
loop_
_chem_comp.id
_chem_comp.type
_chem_comp.name
_chem_comp.formula
CA non-polymer 'CALCIUM ION' 'Ca 2'
CD non-polymer 'CADMIUM ION' 'Cd 2'
CL non-polymer 'CHLORIDE ION' 'Cl -1'
HE2 non-polymer HEXAN-1-OL 'C6 H14 O'
HEZ non-polymer HEXANE-1,6-DIOL 'C6 H14 O2'
TAM non-polymer TRIS(HYDROXYETHYL)AMINOMETHANE 'C7 H17 N O3'
#
# COMPACT_ATOMS: atom_id res chain seq x y z
N MSE A 1 15.42 -39.44 -5.33
CA MSE A 1 14.88 -39.03 -6.64
C MSE A 1 15.95 -38.49 -7.54
O MSE A 1 16.96 -37.95 -7.05
CB MSE A 1 13.87 -37.87 -6.47
CG MSE A 1 12.58 -38.39 -5.76
SE MSE A 1 11.33 -36.98 -5.29
CE MSE A 1 12.15 -36.49 -3.56
N PHE A 2 15.75 -38.65 -8.89
CA PHE A 2 16.76 -38.23 -9.84
C PHE A 2 18.09 -38.85 -9.65
N GLU A 3 18.07 -40.09 -9.17
CA GLU A 3 19.29 -40.91 -8.99
C GLU A 3 19.56 -41.80 -10.17
N ASN A 4 18.57 -41.93 -11.04
CA ASN A 4 18.81 -42.80 -12.18
C ASN A 4 19.22 -42.15 -13.48
N VAL A 5 19.17 -40.85 -13.58
CA VAL A 5 19.80 -40.15 -14.72
C VAL A 5 21.31 -40.12 -14.66
N SER A 6 21.95 -40.07 -15.82
CA SER A 6 23.36 -40.24 -15.89
C SER A 6 24.09 -39.05 -16.34
N THR A 7 23.38 -38.15 -17.04
CA THR A 7 24.11 -36.99 -17.52
C THR A 7 23.32 -35.72 -17.16
N PHE A 8 24.00 -34.56 -17.19
CA PHE A 8 23.23 -33.34 -16.90
C PHE A 8 22.16 -33.13 -17.91
N GLU A 9 22.45 -33.42 -19.21
CA GLU A 9 21.45 -33.17 -20.25
C GLU A 9 20.18 -33.97 -19.93
N GLU A 10 20.41 -35.25 -19.56
CA GLU A 10 19.23 -36.06 -19.17
C GLU A 10 18.40 -35.54 -17.98
N ALA A 11 19.15 -35.09 -16.96
CA ALA A 11 18.50 -34.54 -15.84
C ALA A 11 17.72 -33.23 -16.16
N PHE A 12 18.41 -32.34 -16.89
CA PHE A 12 17.77 -31.16 -17.34
C PHE A 12 16.43 -31.33 -18.10
N ASN A 13 16.53 -32.26 -19.09
CA ASN A 13 15.29 -32.49 -19.81
C ASN A 13 14.22 -33.09 -18.92
N LYS A 14 14.58 -34.00 -18.00
CA LYS A 14 13.57 -34.55 -17.13
C LYS A 14 12.98 -33.56 -16.14
N LEU A 15 13.86 -32.68 -15.65
CA LEU A 15 13.38 -31.61 -14.76
C LEU A 15 12.39 -30.75 -15.48
N LEU A 16 12.71 -30.27 -16.70
CA LEU A 16 11.73 -29.43 -17.42
C LEU A 16 10.46 -30.09 -17.83
N LYS A 17 10.58 -31.33 -18.32
CA LYS A 17 9.41 -32.05 -18.93
C LYS A 17 8.55 -32.62 -17.87
N GLU A 18 9.17 -33.27 -16.89
CA GLU A 18 8.36 -34.05 -15.91
C GLU A 18 8.14 -33.29 -14.66
N VAL A 19 9.18 -32.77 -14.07
CA VAL A 19 8.99 -32.17 -12.77
C VAL A 19 8.24 -30.81 -12.85
N LEU A 20 8.68 -29.99 -13.81
CA LEU A 20 8.12 -28.64 -13.95
C LEU A 20 7.04 -28.53 -14.98
N GLU A 21 6.86 -29.58 -15.79
CA GLU A 21 5.76 -29.68 -16.78
C GLU A 21 5.82 -28.45 -17.66
N PHE A 22 7.03 -28.07 -18.05
CA PHE A 22 7.18 -26.83 -18.78
C PHE A 22 7.04 -27.10 -20.31
N ASN A 23 6.20 -26.40 -20.98
CA ASN A 23 6.40 -26.29 -22.43
C ASN A 23 5.92 -24.97 -22.99
N LEU A 24 6.37 -24.77 -24.21
CA LEU A 24 6.39 -23.47 -24.90
C LEU A 24 5.51 -23.70 -26.10
N GLU A 25 4.74 -24.74 -26.12
CA GLU A 25 3.94 -24.88 -27.35
C GLU A 25 2.85 -23.85 -27.47
N ASN A 26 2.03 -23.70 -26.43
CA ASN A 26 1.03 -22.64 -26.51
C ASN A 26 0.83 -22.09 -25.06
N PRO A 27 1.79 -21.35 -24.58
CA PRO A 27 1.78 -20.96 -23.18
C PRO A 27 0.60 -20.15 -22.71
N PHE A 28 -0.14 -19.51 -23.61
CA PHE A 28 -1.24 -18.60 -23.22
C PHE A 28 -2.64 -19.20 -23.44
N GLU A 29 -2.64 -20.50 -23.80
CA GLU A 29 -3.87 -21.17 -24.25
C GLU A 29 -4.90 -21.20 -23.15
N ASP A 30 -4.51 -21.43 -21.89
CA ASP A 30 -5.55 -21.49 -20.88
C ASP A 30 -6.01 -20.15 -20.18
N ALA A 31 -5.46 -19.03 -20.62
CA ALA A 31 -5.61 -17.79 -19.88
C ALA A 31 -7.03 -17.26 -20.02
N LYS A 32 -7.63 -16.86 -18.93
CA LYS A 32 -8.88 -16.18 -18.89
C LYS A 32 -8.75 -14.67 -18.61
N LYS A 33 -7.68 -14.34 -17.82
CA LYS A 33 -7.51 -12.95 -17.41
C LYS A 33 -5.98 -12.76 -17.29
N VAL A 34 -5.48 -11.73 -17.99
CA VAL A 34 -4.01 -11.38 -17.89
C VAL A 34 -3.91 -9.93 -17.58
N ILE A 35 -2.75 -9.64 -16.87
CA ILE A 35 -2.40 -8.24 -16.63
C ILE A 35 -1.12 -7.95 -17.42
N CYS A 36 -1.21 -6.83 -18.19
CA CYS A 36 0.00 -6.41 -18.92
C CYS A 36 0.45 -5.13 -18.25
N ILE A 37 1.71 -5.20 -17.77
CA ILE A 37 2.33 -4.13 -16.95
C ILE A 37 3.25 -3.30 -17.90
N GLU A 38 3.02 -2.01 -17.94
CA GLU A 38 3.83 -1.15 -18.81
C GLU A 38 4.45 -0.06 -17.98
N PRO A 39 5.71 0.30 -18.29
CA PRO A 39 6.34 1.44 -17.56
C PRO A 39 5.70 2.76 -17.82
N HIS A 40 5.37 3.02 -19.15
CA HIS A 40 4.74 4.29 -19.52
C HIS A 40 3.51 3.98 -20.41
N PRO A 41 2.69 5.03 -20.58
CA PRO A 41 1.55 4.84 -21.51
C PRO A 41 2.19 4.65 -22.95
N ASP A 42 1.78 3.58 -23.52
CA ASP A 42 2.13 3.16 -24.89
C ASP A 42 3.05 1.96 -24.89
N ASP A 43 3.59 1.49 -23.72
CA ASP A 43 4.46 0.38 -23.85
C ASP A 43 3.82 -0.96 -24.11
N CYS A 44 2.60 -1.16 -23.62
CA CYS A 44 1.84 -2.47 -23.90
C CYS A 44 1.58 -2.48 -25.44
N ALA A 45 1.15 -1.32 -25.98
CA ALA A 45 0.89 -1.33 -27.45
C ALA A 45 2.14 -1.58 -28.24
N ILE A 46 3.25 -0.93 -27.84
CA ILE A 46 4.53 -1.12 -28.60
C ILE A 46 5.07 -2.51 -28.45
N GLY A 47 5.13 -2.96 -27.17
CA GLY A 47 5.82 -4.26 -26.92
C GLY A 47 5.00 -5.45 -27.39
N MSE A 48 3.66 -5.34 -27.28
CA MSE A 48 2.88 -6.54 -27.41
C MSE A 48 1.44 -6.31 -27.91
O MSE A 48 0.54 -7.07 -27.62
CB MSE A 48 2.86 -7.47 -26.12
CG MSE A 48 2.29 -6.76 -24.97
SE MSE A 48 2.17 -8.01 -23.43
CE MSE A 48 0.90 -9.21 -24.28
N GLY A 49 1.25 -5.16 -28.59
CA GLY A 49 -0.11 -4.78 -29.03
C GLY A 49 -0.83 -5.87 -29.91
N GLY A 50 -0.05 -6.50 -30.80
CA GLY A 50 -0.68 -7.63 -31.59
C GLY A 50 -1.21 -8.77 -30.83
N THR A 51 -0.39 -9.20 -29.82
CA THR A 51 -0.80 -10.25 -28.97
C THR A 51 -1.98 -9.87 -28.02
N ILE A 52 -1.97 -8.63 -27.54
CA ILE A 52 -3.10 -8.14 -26.78
C ILE A 52 -4.41 -8.28 -27.61
N LYS A 53 -4.33 -7.82 -28.87
CA LYS A 53 -5.58 -7.98 -29.68
C LYS A 53 -5.93 -9.43 -29.95
N LYS A 54 -4.96 -10.31 -30.15
CA LYS A 54 -5.26 -11.79 -30.25
C LYS A 54 -5.87 -12.29 -29.04
N LEU A 55 -5.31 -11.86 -27.89
CA LEU A 55 -5.92 -12.37 -26.65
C LEU A 55 -7.33 -11.85 -26.43
N SER A 56 -7.58 -10.54 -26.61
CA SER A 56 -8.94 -9.98 -26.42
C SER A 56 -9.93 -10.72 -27.41
N ASP A 57 -9.44 -10.90 -28.61
CA ASP A 57 -10.36 -11.59 -29.63
C ASP A 57 -10.70 -12.95 -29.24
N GLU A 58 -9.84 -13.68 -28.55
CA GLU A 58 -10.23 -15.00 -27.97
C GLU A 58 -11.08 -14.92 -26.71
N GLY A 59 -11.39 -13.75 -26.18
CA GLY A 59 -12.26 -13.64 -25.05
C GLY A 59 -11.44 -13.58 -23.71
N VAL A 60 -10.13 -13.45 -23.87
CA VAL A 60 -9.27 -13.13 -22.63
C VAL A 60 -9.53 -11.72 -22.15
N GLU A 61 -9.68 -11.51 -20.85
CA GLU A 61 -9.81 -10.20 -20.31
C GLU A 61 -8.38 -9.67 -20.05
N VAL A 62 -8.04 -8.63 -20.80
CA VAL A 62 -6.66 -8.04 -20.70
C VAL A 62 -6.85 -6.77 -19.96
N ILE A 63 -6.05 -6.62 -18.82
CA ILE A 63 -6.04 -5.43 -17.96
C ILE A 63 -4.61 -4.85 -17.94
N TYR A 64 -4.56 -3.54 -18.01
CA TYR A 64 -3.18 -2.91 -17.93
C TYR A 64 -2.96 -2.41 -16.48
N ILE A 65 -1.66 -2.48 -16.11
CA ILE A 65 -1.17 -1.61 -14.99
C ILE A 65 -0.13 -0.68 -15.63
N CYS A 66 -0.31 0.61 -15.52
CA CYS A 66 0.72 1.57 -16.05
C CYS A 66 1.40 2.15 -14.84
N MSE A 67 2.72 1.96 -14.85
CA MSE A 67 3.44 2.35 -13.61
C MSE A 67 3.64 3.80 -13.45
O MSE A 67 3.60 4.28 -12.32
CB MSE A 67 4.90 1.80 -13.75
CG MSE A 67 5.02 0.27 -14.00
SE MSE A 67 4.18 -0.83 -12.61
CE MSE A 67 5.33 -0.45 -11.13
N THR A 68 3.78 4.56 -14.57
CA THR A 68 4.03 5.97 -14.49
C THR A 68 3.05 6.81 -15.36
N ASP A 69 3.17 8.10 -15.22
CA ASP A 69 2.17 9.00 -15.86
C ASP A 69 2.65 9.56 -17.20
N GLY A 70 3.86 9.21 -17.62
CA GLY A 70 4.37 9.77 -18.91
C GLY A 70 4.63 11.25 -18.87
N TYR A 71 4.77 11.92 -17.70
CA TYR A 71 5.01 13.38 -17.53
C TYR A 71 6.15 13.97 -18.35
N MSE A 72 7.21 13.15 -18.54
CA MSE A 72 8.43 13.72 -19.07
C MSE A 72 8.44 13.62 -20.61
O MSE A 72 9.38 14.18 -21.22
CB MSE A 72 9.67 13.00 -18.55
CG MSE A 72 9.77 13.32 -17.04
SE MSE A 72 10.35 15.08 -16.70
CE MSE A 72 10.36 14.80 -14.77
N GLY A 73 7.48 12.97 -21.23
CA GLY A 73 7.54 12.63 -22.70
C GLY A 73 7.34 13.80 -23.67
N THR A 74 7.94 14.94 -23.48
CA THR A 74 7.75 16.01 -24.54
C THR A 74 9.07 16.84 -24.63
N THR A 75 9.40 17.39 -25.85
CA THR A 75 10.42 18.41 -25.97
C THR A 75 9.82 19.80 -26.22
N ASP A 76 8.48 19.94 -26.09
CA ASP A 76 7.85 21.30 -26.14
C ASP A 76 7.99 22.08 -24.82
N GLU A 77 8.76 23.18 -24.79
CA GLU A 77 8.92 23.95 -23.57
C GLU A 77 7.56 24.61 -23.08
N LYS A 78 6.54 24.63 -23.94
CA LYS A 78 5.26 25.23 -23.51
C LYS A 78 4.33 24.13 -22.95
N LEU A 79 4.69 22.86 -22.96
CA LEU A 79 3.64 21.86 -22.54
C LEU A 79 4.10 21.33 -21.16
N SER A 80 3.31 21.58 -20.14
CA SER A 80 3.78 21.14 -18.77
C SER A 80 3.63 19.64 -18.75
N GLY A 81 4.36 19.03 -17.74
CA GLY A 81 4.17 17.58 -17.56
C GLY A 81 2.76 17.15 -17.13
N HIS A 82 2.17 18.07 -16.38
CA HIS A 82 0.78 17.82 -15.91
C HIS A 82 -0.26 17.70 -17.08
N GLU A 83 -0.07 18.68 -17.99
CA GLU A 83 -0.95 18.62 -19.14
C GLU A 83 -0.64 17.44 -20.02
N LEU A 84 0.66 17.11 -20.21
CA LEU A 84 1.07 15.94 -20.96
C LEU A 84 0.44 14.67 -20.39
N ALA A 85 0.55 14.55 -19.02
CA ALA A 85 0.00 13.34 -18.43
C ALA A 85 -1.49 13.13 -18.64
N LEU A 86 -2.20 14.29 -18.61
CA LEU A 86 -3.63 14.16 -18.87
C LEU A 86 -3.91 13.75 -20.34
N ILE A 87 -3.12 14.38 -21.23
CA ILE A 87 -3.22 13.98 -22.64
C ILE A 87 -2.95 12.52 -22.83
N ARG A 88 -1.87 12.00 -22.21
CA ARG A 88 -1.55 10.62 -22.41
C ARG A 88 -2.51 9.58 -21.84
N ARG A 89 -3.19 9.98 -20.74
CA ARG A 89 -4.26 9.11 -20.24
C ARG A 89 -5.35 8.93 -21.31
N ARG A 90 -5.73 10.02 -21.94
CA ARG A 90 -6.74 9.85 -23.02
C ARG A 90 -6.22 9.07 -24.21
N GLU A 91 -4.92 9.30 -24.54
CA GLU A 91 -4.33 8.53 -25.68
C GLU A 91 -4.34 7.08 -25.38
N GLU A 92 -3.98 6.69 -24.09
CA GLU A 92 -4.01 5.27 -23.80
C GLU A 92 -5.42 4.64 -23.80
N GLU A 93 -6.35 5.47 -23.32
CA GLU A 93 -7.76 4.91 -23.38
C GLU A 93 -8.16 4.65 -24.85
N GLU A 94 -7.74 5.53 -25.75
CA GLU A 94 -8.12 5.31 -27.19
C GLU A 94 -7.32 4.10 -27.73
N SER A 95 -6.01 4.00 -27.46
CA SER A 95 -5.24 2.84 -27.88
C SER A 95 -5.77 1.54 -27.34
N ALA A 96 -6.06 1.53 -26.04
CA ALA A 96 -6.58 0.37 -25.42
C ALA A 96 -7.94 -0.08 -26.00
N LYS A 97 -8.78 0.88 -26.35
CA LYS A 97 -10.10 0.47 -26.92
C LYS A 97 -9.81 -0.25 -28.28
N LEU A 98 -8.85 0.25 -29.07
CA LEU A 98 -8.51 -0.47 -30.31
C LEU A 98 -8.09 -1.87 -30.13
N LEU A 99 -7.41 -2.14 -28.96
CA LEU A 99 -6.90 -3.47 -28.70
C LEU A 99 -7.79 -4.39 -27.88
N GLY A 100 -9.00 -3.89 -27.48
CA GLY A 100 -9.90 -4.78 -26.75
C GLY A 100 -9.68 -4.74 -25.24
N VAL A 101 -8.88 -3.72 -24.80
CA VAL A 101 -8.62 -3.68 -23.32
C VAL A 101 -9.70 -2.73 -22.72
N ARG A 102 -10.25 -3.16 -21.58
CA ARG A 102 -11.30 -2.35 -20.97
C ARG A 102 -10.96 -1.88 -19.57
N LYS A 103 -9.74 -2.17 -19.04
CA LYS A 103 -9.50 -1.65 -17.67
C LYS A 103 -7.98 -1.33 -17.55
N ILE A 104 -7.74 -0.15 -17.00
CA ILE A 104 -6.33 0.31 -16.83
C ILE A 104 -6.24 0.76 -15.36
N TYR A 105 -5.24 0.24 -14.63
CA TYR A 105 -4.87 0.82 -13.31
C TYR A 105 -3.66 1.77 -13.52
N TRP A 106 -3.80 2.93 -13.04
CA TRP A 106 -2.74 3.94 -13.15
C TRP A 106 -2.06 4.09 -11.80
N LEU A 107 -0.81 3.68 -11.70
CA LEU A 107 -0.12 3.89 -10.38
C LEU A 107 0.27 5.28 -10.18
N ASN A 108 0.45 6.09 -11.26
CA ASN A 108 0.73 7.51 -11.18
C ASN A 108 2.07 7.88 -10.60
N TYR A 109 3.02 6.96 -10.53
CA TYR A 109 4.37 7.47 -10.24
C TYR A 109 4.88 8.39 -11.36
N ARG A 110 5.64 9.37 -11.01
CA ARG A 110 6.07 10.28 -12.09
C ARG A 110 7.11 9.60 -12.98
N ASP A 111 6.90 9.79 -14.30
CA ASP A 111 7.90 9.34 -15.30
C ASP A 111 9.31 9.79 -14.96
N THR A 112 10.26 8.86 -15.05
CA THR A 112 11.69 9.01 -14.75
C THR A 112 11.94 8.91 -13.25
N GLU A 113 10.85 8.69 -12.47
CA GLU A 113 10.91 8.73 -10.98
C GLU A 113 10.22 7.48 -10.47
N LEU A 114 10.11 6.40 -11.21
CA LEU A 114 9.49 5.18 -10.60
C LEU A 114 10.42 4.66 -9.51
N PRO A 115 9.96 4.49 -8.27
CA PRO A 115 10.88 3.91 -7.24
C PRO A 115 11.11 2.46 -7.41
N TYR A 116 12.27 1.98 -6.89
CA TYR A 116 12.42 0.54 -6.79
C TYR A 116 12.33 0.22 -5.30
N SER A 117 11.13 -0.14 -4.86
CA SER A 117 10.96 -0.22 -3.40
C SER A 117 9.81 -1.18 -3.10
N ARG A 118 9.77 -1.57 -1.80
CA ARG A 118 8.65 -2.39 -1.30
C ARG A 118 7.33 -1.69 -1.49
N GLU A 119 7.28 -0.37 -1.36
CA GLU A 119 5.98 0.30 -1.56
C GLU A 119 5.44 0.00 -2.96
N VAL A 120 6.27 0.06 -4.02
CA VAL A 120 5.67 -0.18 -5.35
C VAL A 120 5.31 -1.66 -5.49
N ARG A 121 6.12 -2.57 -4.90
CA ARG A 121 5.64 -3.99 -4.88
C ARG A 121 4.28 -4.05 -4.29
N LYS A 122 4.06 -3.38 -3.14
CA LYS A 122 2.74 -3.53 -2.51
C LYS A 122 1.66 -3.08 -3.42
N ASP A 123 1.83 -2.02 -4.26
CA ASP A 123 0.76 -1.60 -5.18
C ASP A 123 0.46 -2.75 -6.19
N LEU A 124 1.50 -3.37 -6.76
CA LEU A 124 1.35 -4.49 -7.72
C LEU A 124 0.68 -5.64 -7.06
N VAL A 125 1.16 -5.99 -5.84
CA VAL A 125 0.56 -7.19 -5.15
C VAL A 125 -0.90 -6.86 -4.81
N LYS A 126 -1.26 -5.70 -4.43
CA LYS A 126 -2.71 -5.40 -4.17
C LYS A 126 -3.53 -5.69 -5.42
N ILE A 127 -3.07 -5.25 -6.59
CA ILE A 127 -3.89 -5.45 -7.77
C ILE A 127 -3.83 -6.86 -8.18
N ILE A 128 -2.71 -7.58 -8.13
CA ILE A 128 -2.67 -8.99 -8.48
C ILE A 128 -3.63 -9.78 -7.55
N ARG A 129 -3.58 -9.47 -6.24
CA ARG A 129 -4.49 -10.27 -5.34
C ARG A 129 -5.92 -9.86 -5.63
N LYS A 130 -6.25 -8.64 -5.98
CA LYS A 130 -7.69 -8.29 -6.30
C LYS A 130 -8.11 -8.99 -7.57
N GLU A 131 -7.28 -8.94 -8.61
CA GLU A 131 -7.76 -9.40 -9.92
C GLU A 131 -7.51 -10.85 -10.10
N LYS A 132 -6.60 -11.54 -9.44
CA LYS A 132 -6.31 -12.99 -9.59
C LYS A 132 -6.02 -13.35 -11.04
N PRO A 133 -5.11 -12.67 -11.71
CA PRO A 133 -4.88 -13.00 -13.10
C PRO A 133 -4.19 -14.31 -13.27
N ASP A 134 -4.45 -14.98 -14.42
CA ASP A 134 -3.71 -16.21 -14.73
C ASP A 134 -2.30 -15.94 -15.22
N GLY A 135 -2.19 -14.81 -15.93
CA GLY A 135 -0.87 -14.46 -16.57
C GLY A 135 -0.59 -13.00 -16.29
N VAL A 136 0.78 -12.76 -16.21
CA VAL A 136 1.28 -11.33 -16.11
C VAL A 136 2.42 -11.15 -17.15
N PHE A 137 2.26 -10.06 -17.90
CA PHE A 137 3.30 -9.69 -18.81
C PHE A 137 3.98 -8.40 -18.32
N ALA A 138 5.27 -8.39 -18.55
CA ALA A 138 6.10 -7.18 -18.18
C ALA A 138 7.36 -7.12 -19.02
N PRO A 139 8.05 -5.98 -19.03
CA PRO A 139 9.35 -5.94 -19.77
C PRO A 139 10.41 -6.84 -19.15
N ASP A 140 11.25 -7.39 -20.02
CA ASP A 140 12.38 -8.18 -19.55
C ASP A 140 13.45 -7.21 -18.96
N PRO A 141 13.67 -7.24 -17.65
CA PRO A 141 14.63 -6.24 -17.09
C PRO A 141 16.06 -6.54 -17.41
N TRP A 142 16.32 -7.65 -17.98
CA TRP A 142 17.69 -7.99 -18.41
C TRP A 142 17.95 -7.71 -19.90
N LEU A 143 17.10 -6.89 -20.52
CA LEU A 143 17.39 -6.52 -21.97
C LEU A 143 18.72 -5.82 -22.06
N PRO A 144 19.63 -6.27 -22.94
CA PRO A 144 20.94 -5.60 -22.96
C PRO A 144 20.79 -4.13 -23.39
N TYR A 145 21.59 -3.29 -22.75
CA TYR A 145 21.70 -1.85 -23.06
C TYR A 145 20.44 -1.07 -22.75
N GLU A 146 19.47 -1.69 -22.01
CA GLU A 146 18.27 -0.91 -21.65
C GLU A 146 18.69 0.19 -20.65
N SER A 147 18.54 1.45 -21.01
CA SER A 147 19.06 2.54 -20.22
C SER A 147 17.96 3.33 -19.50
N HIS A 148 16.69 2.87 -19.59
CA HIS A 148 15.66 3.67 -18.89
C HIS A 148 15.37 2.96 -17.50
N PRO A 149 15.67 3.68 -16.43
CA PRO A 149 15.41 3.00 -15.09
C PRO A 149 13.97 2.62 -14.96
N ASP A 150 13.00 3.43 -15.52
CA ASP A 150 11.62 2.99 -15.27
C ASP A 150 11.37 1.63 -15.92
N HIS A 151 12.02 1.34 -17.08
CA HIS A 151 11.81 0.01 -17.71
C HIS A 151 12.46 -1.09 -16.90
N ARG A 152 13.71 -0.91 -16.46
CA ARG A 152 14.35 -1.98 -15.74
C ARG A 152 13.55 -2.23 -14.40
N ARG A 153 13.20 -1.13 -13.75
CA ARG A 153 12.49 -1.31 -12.43
C ARG A 153 11.14 -1.98 -12.62
N THR A 154 10.41 -1.63 -13.72
CA THR A 154 9.12 -2.28 -13.90
C THR A 154 9.29 -3.76 -14.03
N GLY A 155 10.26 -4.22 -14.85
CA GLY A 155 10.45 -5.66 -15.04
C GLY A 155 10.77 -6.40 -13.73
N PHE A 156 11.76 -5.86 -13.01
CA PHE A 156 12.11 -6.53 -11.73
C PHE A 156 10.94 -6.50 -10.77
N LEU A 157 10.33 -5.34 -10.60
CA LEU A 157 9.22 -5.20 -9.63
C LEU A 157 8.07 -6.13 -10.01
N ALA A 158 7.85 -6.32 -11.33
CA ALA A 158 6.71 -7.21 -11.72
C ALA A 158 7.03 -8.65 -11.38
N ILE A 159 8.26 -9.13 -11.62
CA ILE A 159 8.63 -10.51 -11.36
C ILE A 159 8.57 -10.73 -9.85
N GLU A 160 9.15 -9.79 -9.08
CA GLU A 160 9.15 -9.93 -7.61
C GLU A 160 7.70 -9.92 -7.10
N SER A 161 6.85 -9.05 -7.59
CA SER A 161 5.48 -8.94 -7.03
C SER A 161 4.71 -10.20 -7.39
N VAL A 162 4.89 -10.73 -8.57
CA VAL A 162 4.18 -12.02 -8.87
C VAL A 162 4.60 -13.06 -7.78
N ALA A 163 5.89 -13.16 -7.45
CA ALA A 163 6.30 -14.16 -6.45
C ALA A 163 5.71 -13.80 -5.10
N PHE A 164 5.77 -12.51 -4.71
CA PHE A 164 5.40 -12.18 -3.30
C PHE A 164 3.94 -12.12 -3.08
N SER A 165 3.14 -12.04 -4.16
CA SER A 165 1.65 -12.06 -3.99
C SER A 165 1.20 -13.42 -3.38
N GLN A 166 2.04 -14.42 -3.43
CA GLN A 166 1.65 -15.80 -2.90
C GLN A 166 1.93 -15.81 -1.40
N LEU A 167 2.59 -14.81 -0.80
CA LEU A 167 3.08 -14.96 0.58
C LEU A 167 2.25 -14.18 1.52
N PRO A 168 1.51 -14.80 2.50
CA PRO A 168 0.57 -14.06 3.34
C PRO A 168 1.25 -13.02 4.33
N ASN A 169 2.52 -13.23 4.61
CA ASN A 169 3.18 -12.23 5.43
C ASN A 169 3.75 -11.04 4.64
N PHE A 170 3.62 -11.11 3.30
CA PHE A 170 4.04 -9.94 2.48
C PHE A 170 2.80 -9.08 2.31
N SER A 171 2.94 -7.78 2.66
CA SER A 171 1.76 -6.87 2.61
C SER A 171 0.55 -7.47 3.30
N ASN A 172 0.73 -7.72 4.61
CA ASN A 172 -0.24 -8.57 5.30
C ASN A 172 -1.53 -7.82 5.52
N ILE A 173 -1.65 -6.46 5.41
CA ILE A 173 -2.92 -5.80 5.65
C ILE A 173 -3.88 -6.17 4.47
N ASP A 174 -3.37 -6.60 3.30
CA ASP A 174 -4.26 -7.06 2.23
C ASP A 174 -5.03 -8.27 2.72
N ILE A 175 -4.39 -9.20 3.36
CA ILE A 175 -5.05 -10.46 3.81
C ILE A 175 -6.05 -10.01 4.84
N ASP A 176 -5.68 -9.04 5.70
CA ASP A 176 -6.60 -8.65 6.75
C ASP A 176 -7.86 -7.99 6.26
N ILE A 177 -7.85 -7.37 5.07
CA ILE A 177 -9.01 -6.71 4.50
C ILE A 177 -9.66 -7.59 3.48
N GLY A 178 -9.23 -8.81 3.33
CA GLY A 178 -9.96 -9.80 2.49
C GLY A 178 -9.36 -10.07 1.12
N LEU A 179 -8.21 -9.47 0.82
CA LEU A 179 -7.45 -9.80 -0.43
C LEU A 179 -6.50 -10.94 -0.15
N LYS A 180 -6.88 -12.14 -0.54
CA LYS A 180 -6.12 -13.33 -0.21
C LYS A 180 -4.82 -13.48 -1.07
N PRO A 181 -3.89 -14.27 -0.70
CA PRO A 181 -2.71 -14.60 -1.53
C PRO A 181 -3.16 -15.14 -2.85
N HIS A 182 -2.46 -14.83 -3.93
CA HIS A 182 -2.81 -15.33 -5.27
C HIS A 182 -1.55 -15.85 -5.92
N SER A 183 -1.65 -17.00 -6.63
CA SER A 183 -0.56 -17.58 -7.37
C SER A 183 -0.85 -17.51 -8.88
N VAL A 184 -0.13 -16.60 -9.56
CA VAL A 184 -0.23 -16.48 -11.02
C VAL A 184 0.31 -17.69 -11.69
N SER A 185 -0.34 -18.07 -12.83
CA SER A 185 0.16 -19.29 -13.52
C SER A 185 1.35 -19.12 -14.49
N PHE A 186 1.45 -17.93 -15.14
CA PHE A 186 2.70 -17.71 -15.92
C PHE A 186 3.02 -16.23 -15.91
N ILE A 187 4.33 -16.04 -16.09
CA ILE A 187 4.85 -14.66 -16.43
C ILE A 187 5.37 -14.78 -17.90
N ALA A 188 5.15 -13.69 -18.65
CA ALA A 188 5.83 -13.64 -19.94
C ALA A 188 6.48 -12.25 -20.07
N LEU A 189 7.76 -12.27 -20.47
CA LEU A 189 8.54 -10.96 -20.54
C LEU A 189 8.55 -10.55 -21.98
N TYR A 190 8.12 -9.31 -22.21
CA TYR A 190 8.25 -8.72 -23.60
C TYR A 190 9.41 -7.78 -23.63
N TYR A 191 9.67 -7.10 -24.77
CA TYR A 191 10.89 -6.32 -24.89
C TYR A 191 12.12 -7.12 -24.57
N THR A 192 12.21 -8.30 -25.22
CA THR A 192 13.28 -9.27 -24.85
C THR A 192 14.21 -9.58 -25.96
N HIS A 193 15.49 -9.71 -25.67
CA HIS A 193 16.49 -10.22 -26.63
C HIS A 193 16.52 -11.74 -26.64
N LYS A 194 15.89 -12.40 -25.65
CA LYS A 194 16.01 -13.87 -25.57
C LYS A 194 14.60 -14.44 -25.56
N PRO A 195 13.81 -14.20 -26.62
CA PRO A 195 12.48 -14.78 -26.60
C PRO A 195 12.56 -16.33 -26.80
N ASN A 196 11.57 -17.02 -26.22
CA ASN A 196 11.46 -18.47 -26.52
C ASN A 196 10.06 -18.79 -26.96
N TYR A 197 9.21 -17.81 -27.11
CA TYR A 197 7.86 -18.04 -27.62
C TYR A 197 7.54 -16.84 -28.52
N ILE A 198 7.21 -17.05 -29.81
CA ILE A 198 6.91 -15.91 -30.69
C ILE A 198 5.47 -16.04 -31.21
N VAL A 199 4.74 -14.92 -31.18
CA VAL A 199 3.38 -14.85 -31.68
C VAL A 199 3.43 -14.18 -33.05
N ASP A 200 2.78 -14.90 -34.07
CA ASP A 200 2.76 -14.27 -35.40
C ASP A 200 1.69 -13.20 -35.42
N ILE A 201 2.10 -11.96 -35.69
CA ILE A 201 1.18 -10.87 -35.74
C ILE A 201 1.09 -10.23 -37.16
N THR A 202 1.54 -11.01 -38.14
CA THR A 202 1.59 -10.45 -39.51
C THR A 202 0.25 -9.83 -39.95
N ASP A 203 -0.87 -10.47 -39.67
CA ASP A 203 -2.13 -9.84 -40.14
C ASP A 203 -2.68 -8.74 -39.26
N LEU A 204 -2.05 -8.52 -38.07
CA LEU A 204 -2.47 -7.47 -37.18
C LEU A 204 -1.49 -6.37 -37.08
N MSE A 205 -0.47 -6.34 -37.93
CA MSE A 205 0.51 -5.32 -37.85
C MSE A 205 -0.06 -3.91 -38.05
O MSE A 205 0.31 -2.92 -37.39
CB MSE A 205 1.63 -5.59 -38.86
CG MSE A 205 2.66 -4.52 -38.90
SE MSE A 205 3.70 -4.58 -37.16
CE MSE A 205 5.41 -3.77 -37.84
N GLU A 206 -0.90 -3.70 -39.09
CA GLU A 206 -1.45 -2.38 -39.31
C GLU A 206 -2.34 -1.86 -38.12
N LEU A 207 -3.10 -2.77 -37.50
CA LEU A 207 -3.84 -2.43 -36.28
C LEU A 207 -2.83 -2.05 -35.13
N LYS A 208 -1.78 -2.86 -34.99
CA LYS A 208 -0.82 -2.53 -33.92
C LYS A 208 -0.27 -1.16 -34.16
N LEU A 209 0.15 -0.82 -35.40
CA LEU A 209 0.68 0.48 -35.61
C LEU A 209 -0.35 1.58 -35.39
N LYS A 210 -1.64 1.33 -35.71
CA LYS A 210 -2.65 2.34 -35.42
C LYS A 210 -2.79 2.60 -33.85
N ALA A 211 -2.74 1.46 -33.15
CA ALA A 211 -2.86 1.59 -31.66
C ALA A 211 -1.67 2.34 -31.11
N ILE A 212 -0.47 2.18 -31.70
CA ILE A 212 0.69 2.96 -31.27
C ILE A 212 0.54 4.43 -31.60
N ARG A 213 0.09 4.73 -32.89
CA ARG A 213 0.00 6.12 -33.25
C ARG A 213 -1.14 6.87 -32.57
N ALA A 214 -2.07 6.09 -31.91
CA ALA A 214 -3.05 6.76 -31.07
C ALA A 214 -2.41 7.62 -29.91
N HIS A 215 -1.13 7.24 -29.60
CA HIS A 215 -0.36 8.06 -28.64
C HIS A 215 0.29 9.18 -29.42
N ARG A 216 -0.57 10.09 -29.87
CA ARG A 216 -0.11 11.11 -30.82
C ARG A 216 0.95 12.02 -30.25
N SER A 217 0.90 12.31 -28.91
CA SER A 217 1.87 13.20 -28.30
C SER A 217 3.32 12.62 -28.41
N GLN A 218 3.42 11.31 -28.52
CA GLN A 218 4.74 10.69 -28.59
C GLN A 218 5.20 10.49 -30.01
N PHE A 219 4.22 10.33 -30.83
CA PHE A 219 4.55 9.85 -32.30
C PHE A 219 4.06 10.87 -33.28
N THR A 220 4.71 12.01 -33.26
CA THR A 220 4.46 12.98 -34.30
C THR A 220 4.98 12.40 -35.61
N ASP A 221 4.48 12.99 -36.75
CA ASP A 221 4.99 12.46 -38.05
C ASP A 221 6.52 12.48 -38.12
N ASP A 222 7.17 13.53 -37.62
CA ASP A 222 8.64 13.54 -37.68
C ASP A 222 9.29 12.31 -36.98
N ILE A 223 8.79 12.07 -35.71
CA ILE A 223 9.31 10.96 -34.94
C ILE A 223 8.99 9.61 -35.61
N TRP A 224 7.79 9.53 -36.23
CA TRP A 224 7.32 8.32 -36.85
C TRP A 224 8.27 7.89 -38.01
N GLU A 225 8.92 8.90 -38.67
CA GLU A 225 9.87 8.54 -39.72
C GLU A 225 11.02 7.68 -39.31
N THR A 226 11.29 7.71 -37.95
CA THR A 226 12.24 6.77 -37.38
C THR A 226 11.61 5.58 -36.72
N TRP A 227 10.47 5.85 -36.10
CA TRP A 227 9.84 4.76 -35.33
C TRP A 227 9.13 3.70 -36.12
N GLU A 228 8.48 4.02 -37.30
CA GLU A 228 7.94 2.91 -38.13
C GLU A 228 9.04 2.00 -38.58
N PRO A 229 10.14 2.54 -39.12
CA PRO A 229 11.27 1.60 -39.51
C PRO A 229 11.79 0.74 -38.27
N PHE A 230 11.89 1.42 -37.14
CA PHE A 230 12.30 0.64 -35.94
C PHE A 230 11.35 -0.46 -35.58
N LEU A 231 10.09 -0.11 -35.53
CA LEU A 231 9.07 -1.11 -35.15
C LEU A 231 8.96 -2.23 -36.13
N ARG A 232 9.03 -1.93 -37.48
CA ARG A 232 9.03 -3.04 -38.38
C ARG A 232 10.31 -3.88 -38.30
N THR A 233 11.47 -3.29 -38.00
CA THR A 233 12.69 -4.04 -37.88
C THR A 233 12.63 -4.99 -36.66
N VAL A 234 12.05 -4.44 -35.54
CA VAL A 234 11.85 -5.33 -34.37
C VAL A 234 10.93 -6.48 -34.64
N THR A 235 9.78 -6.18 -35.24
CA THR A 235 8.80 -7.32 -35.51
C THR A 235 9.35 -8.35 -36.54
N MSE A 236 10.25 -7.89 -37.43
CA MSE A 236 10.94 -8.84 -38.36
C MSE A 236 11.94 -9.66 -37.57
O MSE A 236 12.11 -10.84 -37.80
CB MSE A 236 11.56 -8.11 -39.56
CG MSE A 236 10.43 -7.51 -40.29
SE MSE A 236 11.24 -6.37 -41.81
CE MSE A 236 11.81 -7.86 -42.72
N PHE A 237 12.66 -9.01 -36.65
CA PHE A 237 13.56 -9.77 -35.81
C PHE A 237 12.86 -10.96 -35.12
N TYR A 238 11.69 -10.72 -34.55
CA TYR A 238 10.94 -11.80 -33.89
C TYR A 238 10.31 -12.75 -34.90
N GLY A 239 9.66 -12.15 -35.92
CA GLY A 239 8.97 -13.12 -36.87
C GLY A 239 9.95 -14.06 -37.60
N GLU A 240 11.15 -13.58 -37.93
CA GLU A 240 12.11 -14.44 -38.70
C GLU A 240 12.45 -15.68 -37.89
N LYS A 241 12.34 -15.61 -36.54
CA LYS A 241 12.73 -16.77 -35.69
C LYS A 241 11.73 -17.92 -35.89
N ILE A 242 10.52 -17.66 -36.33
CA ILE A 242 9.56 -18.75 -36.60
C ILE A 242 9.11 -18.74 -38.08
N GLY A 243 9.87 -18.06 -38.89
CA GLY A 243 9.59 -18.13 -40.38
C GLY A 243 8.33 -17.38 -40.78
N VAL A 244 7.91 -16.30 -40.06
CA VAL A 244 6.78 -15.44 -40.43
C VAL A 244 7.27 -14.00 -40.60
N ARG A 245 6.46 -13.16 -41.26
CA ARG A 245 6.89 -11.81 -41.55
C ARG A 245 7.09 -10.97 -40.24
N TYR A 246 6.03 -10.95 -39.45
CA TYR A 246 6.06 -10.03 -38.26
C TYR A 246 5.64 -10.88 -37.07
N GLY A 247 6.48 -10.74 -36.01
CA GLY A 247 6.19 -11.50 -34.74
C GLY A 247 6.38 -10.55 -33.53
N GLU A 248 5.77 -11.02 -32.42
CA GLU A 248 6.10 -10.46 -31.07
C GLU A 248 6.70 -11.56 -30.26
N GLY A 249 7.85 -11.24 -29.59
CA GLY A 249 8.50 -12.25 -28.81
C GLY A 249 8.31 -12.10 -27.28
N PHE A 250 8.36 -13.26 -26.67
CA PHE A 250 8.17 -13.32 -25.18
C PHE A 250 9.18 -14.31 -24.71
N ARG A 251 9.62 -14.07 -23.46
CA ARG A 251 10.44 -15.07 -22.77
C ARG A 251 9.60 -15.57 -21.59
N VAL A 252 9.44 -16.92 -21.62
CA VAL A 252 8.71 -17.63 -20.57
C VAL A 252 9.60 -18.66 -19.95
N MSE A 253 9.57 -18.80 -18.60
CA MSE A 253 10.43 -19.82 -17.97
C MSE A 253 9.60 -20.39 -16.79
O MSE A 253 8.69 -19.76 -16.30
CB MSE A 253 11.69 -19.17 -17.27
CG MSE A 253 12.55 -18.41 -18.33
SE MSE A 253 14.29 -17.97 -17.53
CE MSE A 253 13.59 -16.64 -16.27
N PRO A 254 9.96 -21.58 -16.34
CA PRO A 254 9.37 -22.10 -15.12
C PRO A 254 9.70 -21.12 -13.99
N GLY A 255 8.80 -21.02 -13.04
CA GLY A 255 9.00 -20.09 -11.88
C GLY A 255 10.32 -20.35 -11.24
N LEU A 256 10.71 -21.65 -11.08
CA LEU A 256 11.95 -22.00 -10.43
C LEU A 256 13.14 -21.31 -11.04
N PHE A 257 13.13 -21.07 -12.36
CA PHE A 257 14.31 -20.66 -13.08
C PHE A 257 14.63 -19.19 -12.80
N TYR A 258 13.72 -18.45 -12.19
CA TYR A 258 13.99 -17.04 -11.79
C TYR A 258 14.79 -17.00 -10.56
N HIS A 259 15.36 -18.10 -10.08
CA HIS A 259 16.10 -18.00 -8.79
C HIS A 259 17.09 -19.13 -8.67
N ILE A 260 18.32 -18.81 -8.36
CA ILE A 260 19.42 -19.79 -8.11
C ILE A 260 19.50 -20.90 -9.19
N THR A 261 19.30 -20.57 -10.48
CA THR A 261 19.27 -21.67 -11.48
C THR A 261 20.43 -21.32 -12.42
N PRO A 262 21.53 -22.14 -12.34
CA PRO A 262 22.71 -21.77 -13.17
C PRO A 262 22.60 -22.14 -14.62
N PHE A 263 21.52 -22.80 -15.03
CA PHE A 263 21.37 -23.13 -16.48
C PHE A 263 20.06 -22.56 -17.01
N ALA A 264 19.58 -21.43 -16.39
CA ALA A 264 18.39 -20.80 -16.88
C ALA A 264 18.55 -20.23 -18.32
N ASP A 265 19.75 -19.95 -18.74
CA ASP A 265 19.91 -19.53 -20.11
C ASP A 265 19.87 -20.66 -21.14
N LEU A 266 19.60 -21.90 -20.73
CA LEU A 266 19.48 -23.05 -21.72
C LEU A 266 18.11 -23.13 -22.23
N ILE A 267 17.15 -22.33 -21.73
CA ILE A 267 15.87 -22.21 -22.46
C ILE A 267 15.69 -20.82 -23.04
N MSE B 1 -19.27 37.74 5.06
CA MSE B 1 -19.49 36.98 6.30
C MSE B 1 -18.48 37.40 7.36
O MSE B 1 -17.37 37.79 6.99
CB MSE B 1 -19.27 35.48 6.03
CG MSE B 1 -20.47 34.92 5.14
SE MSE B 1 -20.19 33.08 4.63
CE MSE B 1 -19.09 33.42 3.04
N PHE B 2 -18.90 37.25 8.66
CA PHE B 2 -18.02 37.67 9.73
C PHE B 2 -17.57 39.06 9.67
N GLU B 3 -18.47 39.90 9.16
CA GLU B 3 -18.24 41.37 9.06
C GLU B 3 -18.82 42.11 10.25
N ASN B 4 -19.71 41.43 10.97
CA ASN B 4 -20.33 42.16 12.08
C ASN B 4 -19.76 41.94 13.46
N VAL B 5 -18.87 40.99 13.61
CA VAL B 5 -18.08 40.93 14.84
C VAL B 5 -17.03 42.02 14.95
N SER B 6 -16.69 42.40 16.19
CA SER B 6 -15.90 43.55 16.49
C SER B 6 -14.56 43.23 17.06
N THR B 7 -14.47 42.10 17.71
CA THR B 7 -13.20 41.76 18.38
C THR B 7 -12.79 40.35 17.95
N PHE B 8 -11.49 40.09 18.14
CA PHE B 8 -11.03 38.71 17.84
C PHE B 8 -11.72 37.71 18.73
N GLU B 9 -11.94 38.04 20.02
CA GLU B 9 -12.54 37.08 20.92
C GLU B 9 -13.94 36.70 20.43
N GLU B 10 -14.68 37.78 20.00
CA GLU B 10 -15.99 37.48 19.41
C GLU B 10 -16.04 36.56 18.15
N ALA B 11 -15.07 36.87 17.27
CA ALA B 11 -14.97 36.10 16.07
C ALA B 11 -14.54 34.63 16.39
N PHE B 12 -13.52 34.51 17.28
CA PHE B 12 -13.15 33.20 17.69
C PHE B 12 -14.26 32.30 18.29
N ASN B 13 -15.04 32.93 19.22
CA ASN B 13 -16.13 32.12 19.75
C ASN B 13 -17.16 31.80 18.69
N LYS B 14 -17.46 32.74 17.78
CA LYS B 14 -18.42 32.46 16.74
C LYS B 14 -17.98 31.38 15.74
N LEU B 15 -16.66 31.44 15.44
CA LEU B 15 -16.06 30.43 14.53
C LEU B 15 -16.18 29.05 15.20
N LEU B 16 -15.83 28.93 16.49
CA LEU B 16 -15.94 27.60 17.11
C LEU B 16 -17.33 27.11 17.33
N LYS B 17 -18.21 28.00 17.76
CA LYS B 17 -19.58 27.57 18.13
C LYS B 17 -20.47 27.38 16.97
N GLU B 18 -20.42 28.32 16.03
CA GLU B 18 -21.39 28.33 14.94
C GLU B 18 -20.80 27.74 13.70
N VAL B 19 -19.65 28.18 13.28
CA VAL B 19 -19.20 27.69 11.98
C VAL B 19 -18.67 26.20 12.05
N LEU B 20 -17.92 25.91 13.09
CA LEU B 20 -17.30 24.59 13.22
C LEU B 20 -18.08 23.66 14.12
N GLU B 21 -19.07 24.19 14.83
CA GLU B 21 -19.99 23.41 15.70
C GLU B 21 -19.18 22.55 16.62
N PHE B 22 -18.16 23.17 17.21
CA PHE B 22 -17.24 22.40 18.04
C PHE B 22 -17.73 22.39 19.51
N ASN B 23 -17.83 21.26 20.12
CA ASN B 23 -17.82 21.30 21.60
C ASN B 23 -17.29 20.01 22.17
N LEU B 24 -16.98 20.13 23.44
CA LEU B 24 -16.08 19.25 24.19
C LEU B 24 -16.98 18.66 25.23
N GLU B 25 -18.26 18.78 25.06
CA GLU B 25 -19.09 18.23 26.13
C GLU B 25 -19.11 16.74 26.14
N ASN B 26 -19.40 16.10 25.00
CA ASN B 26 -19.40 14.64 25.02
C ASN B 26 -18.87 14.18 23.64
N PRO B 27 -17.60 14.44 23.34
CA PRO B 27 -17.15 14.22 21.98
C PRO B 27 -17.24 12.80 21.42
N PHE B 28 -17.38 11.80 22.27
CA PHE B 28 -17.40 10.39 21.81
C PHE B 28 -18.83 9.77 21.83
N GLU B 29 -19.82 10.63 22.13
CA GLU B 29 -21.17 10.20 22.25
C GLU B 29 -21.76 9.47 21.04
N ASP B 30 -21.47 9.95 19.84
CA ASP B 30 -22.16 9.33 18.75
C ASP B 30 -21.40 8.14 18.07
N ALA B 31 -20.25 7.75 18.63
CA ALA B 31 -19.36 6.83 17.91
C ALA B 31 -19.90 5.43 17.93
N LYS B 32 -19.90 4.77 16.78
CA LYS B 32 -20.24 3.38 16.69
C LYS B 32 -18.98 2.50 16.51
N LYS B 33 -17.94 3.08 15.87
CA LYS B 33 -16.74 2.28 15.57
C LYS B 33 -15.54 3.29 15.65
N VAL B 34 -14.54 2.88 16.44
CA VAL B 34 -13.31 3.79 16.56
C VAL B 34 -12.14 2.90 16.33
N ILE B 35 -11.05 3.58 15.79
CA ILE B 35 -9.77 2.89 15.71
C ILE B 35 -8.81 3.58 16.66
N CYS B 36 -8.13 2.75 17.48
CA CYS B 36 -7.09 3.27 18.35
C CYS B 36 -5.76 2.80 17.84
N ILE B 37 -4.91 3.81 17.49
CA ILE B 37 -3.60 3.59 16.88
C ILE B 37 -2.52 3.60 17.96
N GLU B 38 -1.72 2.57 18.02
CA GLU B 38 -0.68 2.55 19.03
C GLU B 38 0.63 2.30 18.36
N PRO B 39 1.71 2.96 18.85
CA PRO B 39 3.03 2.65 18.31
C PRO B 39 3.56 1.28 18.53
N HIS B 40 3.34 0.80 19.81
CA HIS B 40 3.80 -0.49 20.19
C HIS B 40 2.67 -1.29 20.91
N PRO B 41 2.85 -2.60 21.00
CA PRO B 41 1.86 -3.37 21.78
C PRO B 41 1.94 -2.86 23.28
N ASP B 42 0.79 -2.48 23.73
CA ASP B 42 0.55 -1.96 25.07
C ASP B 42 0.31 -0.48 25.13
N ASP B 43 0.47 0.31 24.04
CA ASP B 43 0.22 1.70 24.24
C ASP B 43 -1.21 2.12 24.32
N CYS B 44 -2.10 1.36 23.67
CA CYS B 44 -3.57 1.67 23.80
C CYS B 44 -3.98 1.41 25.26
N ALA B 45 -3.50 0.29 25.82
CA ALA B 45 -3.92 0.03 27.22
C ALA B 45 -3.32 1.07 28.15
N ILE B 46 -2.06 1.49 27.91
CA ILE B 46 -1.41 2.48 28.84
C ILE B 46 -2.04 3.83 28.67
N GLY B 47 -2.17 4.24 27.37
CA GLY B 47 -2.67 5.65 27.21
C GLY B 47 -4.14 5.86 27.46
N MSE B 48 -4.94 4.79 27.18
CA MSE B 48 -6.37 4.99 27.15
C MSE B 48 -7.21 3.75 27.47
O MSE B 48 -8.33 3.65 27.04
CB MSE B 48 -6.92 5.68 25.83
CG MSE B 48 -6.60 4.90 24.66
SE MSE B 48 -7.40 5.71 23.04
CE MSE B 48 -9.24 5.57 23.64
N GLY B 49 -6.58 2.82 28.20
CA GLY B 49 -7.26 1.52 28.46
C GLY B 49 -8.65 1.72 29.18
N GLY B 50 -8.71 2.67 30.12
CA GLY B 50 -10.05 2.90 30.75
C GLY B 50 -11.18 3.32 29.87
N THR B 51 -10.77 4.28 28.98
CA THR B 51 -11.72 4.75 28.03
C THR B 51 -12.15 3.68 26.95
N ILE B 52 -11.16 2.88 26.54
CA ILE B 52 -11.45 1.75 25.68
C ILE B 52 -12.51 0.82 26.33
N LYS B 53 -12.26 0.50 27.61
CA LYS B 53 -13.33 -0.37 28.26
C LYS B 53 -14.67 0.38 28.37
N LYS B 54 -14.70 1.68 28.63
CA LYS B 54 -16.00 2.44 28.62
C LYS B 54 -16.65 2.41 27.31
N LEU B 55 -15.82 2.58 26.22
CA LEU B 55 -16.47 2.59 24.94
C LEU B 55 -16.94 1.20 24.59
N SER B 56 -16.15 0.13 24.80
CA SER B 56 -16.64 -1.25 24.46
C SER B 56 -17.96 -1.56 25.28
N ASP B 57 -17.95 -1.06 26.50
CA ASP B 57 -19.16 -1.38 27.38
C ASP B 57 -20.34 -0.68 26.88
N GLU B 58 -20.23 0.50 26.26
CA GLU B 58 -21.39 1.12 25.54
C GLU B 58 -21.76 0.55 24.17
N GLY B 59 -21.04 -0.46 23.70
CA GLY B 59 -21.36 -1.15 22.45
C GLY B 59 -20.62 -0.49 21.25
N VAL B 60 -19.69 0.39 21.62
CA VAL B 60 -18.69 0.84 20.51
C VAL B 60 -17.78 -0.28 20.06
N GLU B 61 -17.56 -0.46 18.78
CA GLU B 61 -16.63 -1.41 18.27
C GLU B 61 -15.23 -0.71 18.25
N VAL B 62 -14.33 -1.23 19.07
CA VAL B 62 -12.99 -0.60 19.17
C VAL B 62 -12.07 -1.54 18.52
N ILE B 63 -11.29 -0.99 17.49
CA ILE B 63 -10.30 -1.74 16.68
C ILE B 63 -8.91 -1.13 16.90
N TYR B 64 -7.93 -1.96 17.05
CA TYR B 64 -6.54 -1.39 17.19
C TYR B 64 -5.85 -1.48 15.80
N ILE B 65 -4.99 -0.45 15.59
CA ILE B 65 -3.87 -0.60 14.62
C ILE B 65 -2.57 -0.55 15.41
N CYS B 66 -1.71 -1.54 15.37
CA CYS B 66 -0.40 -1.44 16.10
C CYS B 66 0.62 -1.24 14.98
N MSE B 67 1.41 -0.17 15.17
CA MSE B 67 2.31 0.21 14.04
C MSE B 67 3.50 -0.66 13.97
O MSE B 67 3.99 -0.97 12.91
CB MSE B 67 2.82 1.63 14.35
CG MSE B 67 1.77 2.75 14.50
SE MSE B 67 0.57 2.91 12.97
CE MSE B 67 1.83 3.56 11.69
N THR B 68 4.00 -1.15 15.14
CA THR B 68 5.22 -1.92 15.20
C THR B 68 5.09 -3.23 16.01
N ASP B 69 6.11 -4.04 15.95
CA ASP B 69 6.03 -5.40 16.50
C ASP B 69 6.60 -5.51 17.92
N GLY B 70 7.11 -4.38 18.44
CA GLY B 70 7.66 -4.48 19.83
C GLY B 70 8.95 -5.29 19.88
N TYR B 71 9.70 -5.59 18.80
CA TYR B 71 10.93 -6.39 18.75
C TYR B 71 12.00 -5.98 19.71
N MSE B 72 12.10 -4.68 19.99
CA MSE B 72 13.26 -4.20 20.75
C MSE B 72 12.99 -4.19 22.25
O MSE B 72 13.97 -3.94 23.01
CB MSE B 72 13.63 -2.75 20.36
CG MSE B 72 14.10 -2.81 18.88
SE MSE B 72 15.85 -3.59 18.70
CE MSE B 72 15.95 -3.24 16.77
N GLY B 73 11.82 -4.48 22.71
CA GLY B 73 11.43 -4.30 24.15
C GLY B 73 12.01 -5.29 25.13
N THR B 74 13.26 -5.64 25.09
CA THR B 74 13.80 -6.58 26.16
C THR B 74 15.26 -6.15 26.48
N THR B 75 15.71 -6.36 27.78
CA THR B 75 17.14 -6.31 28.08
C THR B 75 17.74 -7.68 28.29
N ASP B 76 16.95 -8.75 27.99
CA ASP B 76 17.52 -10.15 28.10
C ASP B 76 18.34 -10.51 26.86
N GLU B 77 19.67 -10.72 26.99
CA GLU B 77 20.52 -10.99 25.83
C GLU B 77 20.17 -12.41 25.24
N LYS B 78 19.37 -13.21 25.96
CA LYS B 78 19.03 -14.53 25.37
C LYS B 78 17.69 -14.47 24.63
N LEU B 79 16.97 -13.34 24.63
CA LEU B 79 15.60 -13.38 24.01
C LEU B 79 15.66 -12.61 22.68
N SER B 80 15.44 -13.34 21.60
CA SER B 80 15.62 -12.63 20.27
C SER B 80 14.42 -11.71 20.15
N GLY B 81 14.60 -10.74 19.20
CA GLY B 81 13.44 -9.86 18.93
C GLY B 81 12.24 -10.56 18.27
N HIS B 82 12.58 -11.61 17.47
CA HIS B 82 11.51 -12.41 16.84
C HIS B 82 10.63 -13.15 17.88
N GLU B 83 11.35 -13.71 18.84
CA GLU B 83 10.58 -14.39 19.88
C GLU B 83 9.79 -13.41 20.74
N LEU B 84 10.41 -12.24 21.05
CA LEU B 84 9.70 -11.23 21.80
C LEU B 84 8.46 -10.75 21.06
N ALA B 85 8.61 -10.53 19.70
CA ALA B 85 7.42 -10.07 18.97
C ALA B 85 6.23 -11.06 19.00
N LEU B 86 6.61 -12.37 18.93
CA LEU B 86 5.55 -13.35 18.99
C LEU B 86 4.87 -13.32 20.41
N ILE B 87 5.72 -13.22 21.44
CA ILE B 87 5.18 -13.16 22.82
C ILE B 87 4.30 -11.94 22.95
N ARG B 88 4.73 -10.75 22.43
CA ARG B 88 3.89 -9.59 22.59
C ARG B 88 2.58 -9.57 21.85
N ARG B 89 2.56 -10.28 20.71
CA ARG B 89 1.25 -10.45 20.03
C ARG B 89 0.24 -11.14 20.95
N ARG B 90 0.70 -12.20 21.56
CA ARG B 90 -0.22 -12.89 22.51
C ARG B 90 -0.57 -12.08 23.71
N GLU B 91 0.40 -11.28 24.23
CA GLU B 91 0.06 -10.39 25.37
C GLU B 91 -0.96 -9.40 24.97
N GLU B 92 -0.86 -8.79 23.72
CA GLU B 92 -1.85 -7.80 23.38
C GLU B 92 -3.24 -8.44 23.17
N GLU B 93 -3.22 -9.65 22.61
CA GLU B 93 -4.57 -10.35 22.43
C GLU B 93 -5.19 -10.55 23.82
N GLU B 94 -4.36 -10.84 24.80
CA GLU B 94 -5.00 -11.03 26.19
C GLU B 94 -5.43 -9.69 26.77
N SER B 95 -4.59 -8.61 26.62
CA SER B 95 -4.98 -7.31 27.08
C SER B 95 -6.25 -6.81 26.43
N ALA B 96 -6.25 -6.95 25.09
CA ALA B 96 -7.40 -6.51 24.35
C ALA B 96 -8.70 -7.24 24.72
N LYS B 97 -8.60 -8.51 25.03
CA LYS B 97 -9.82 -9.27 25.44
C LYS B 97 -10.35 -8.64 26.77
N LEU B 98 -9.45 -8.29 27.67
CA LEU B 98 -9.93 -7.62 28.93
C LEU B 98 -10.63 -6.33 28.72
N LEU B 99 -10.21 -5.58 27.62
CA LEU B 99 -10.81 -4.32 27.37
C LEU B 99 -11.96 -4.27 26.38
N GLY B 100 -12.34 -5.48 25.88
CA GLY B 100 -13.52 -5.49 24.97
C GLY B 100 -13.15 -5.28 23.50
N VAL B 101 -11.83 -5.38 23.21
CA VAL B 101 -11.43 -5.15 21.77
C VAL B 101 -11.34 -6.55 21.08
N ARG B 102 -11.87 -6.63 19.85
CA ARG B 102 -11.90 -7.92 19.21
C ARG B 102 -11.14 -7.93 17.88
N LYS B 103 -10.52 -6.79 17.51
CA LYS B 103 -9.78 -6.81 16.21
C LYS B 103 -8.52 -5.92 16.29
N ILE B 104 -7.41 -6.52 15.88
CA ILE B 104 -6.12 -5.78 15.90
C ILE B 104 -5.54 -5.95 14.48
N TYR B 105 -5.17 -4.80 13.87
CA TYR B 105 -4.33 -4.86 12.62
C TYR B 105 -2.87 -4.66 13.03
N TRP B 106 -2.04 -5.48 12.57
CA TRP B 106 -0.60 -5.41 12.90
C TRP B 106 0.13 -4.93 11.64
N LEU B 107 0.68 -3.72 11.72
CA LEU B 107 1.44 -3.31 10.50
C LEU B 107 2.78 -3.94 10.42
N ASN B 108 3.32 -4.43 11.55
CA ASN B 108 4.56 -5.21 11.61
C ASN B 108 5.84 -4.43 11.20
N TYR B 109 5.78 -3.11 11.21
CA TYR B 109 7.11 -2.44 11.12
C TYR B 109 7.95 -2.74 12.33
N ARG B 110 9.24 -2.85 12.15
CA ARG B 110 10.05 -3.20 13.32
C ARG B 110 10.14 -2.01 14.30
N ASP B 111 9.99 -2.36 15.58
CA ASP B 111 10.18 -1.39 16.67
C ASP B 111 11.48 -0.66 16.57
N THR B 112 11.41 0.65 16.73
CA THR B 112 12.52 1.64 16.58
C THR B 112 12.81 1.96 15.14
N GLU B 113 12.03 1.34 14.19
CA GLU B 113 12.26 1.47 12.74
C GLU B 113 10.93 1.84 12.09
N LEU B 114 9.99 2.47 12.76
CA LEU B 114 8.79 2.83 12.00
C LEU B 114 9.14 3.97 11.02
N PRO B 115 8.90 3.82 9.72
CA PRO B 115 9.25 4.93 8.79
C PRO B 115 8.31 6.07 8.88
N TYR B 116 8.81 7.27 8.50
CA TYR B 116 7.87 8.37 8.32
C TYR B 116 7.71 8.59 6.81
N SER B 117 6.69 8.00 6.21
CA SER B 117 6.70 8.02 4.73
C SER B 117 5.30 7.82 4.24
N ARG B 118 5.17 8.14 2.92
CA ARG B 118 3.86 7.89 2.25
C ARG B 118 3.48 6.46 2.31
N GLU B 119 4.41 5.52 2.25
CA GLU B 119 4.05 4.13 2.32
C GLU B 119 3.27 3.83 3.63
N VAL B 120 3.72 4.33 4.78
CA VAL B 120 2.98 3.99 6.02
C VAL B 120 1.64 4.71 6.04
N ARG B 121 1.59 5.94 5.46
CA ARG B 121 0.24 6.57 5.31
C ARG B 121 -0.62 5.64 4.57
N LYS B 122 -0.17 5.10 3.44
CA LYS B 122 -1.06 4.26 2.65
C LYS B 122 -1.58 3.11 3.46
N ASP B 123 -0.79 2.49 4.35
CA ASP B 123 -1.31 1.36 5.15
C ASP B 123 -2.52 1.85 6.04
N LEU B 124 -2.31 3.00 6.71
CA LEU B 124 -3.36 3.61 7.55
C LEU B 124 -4.58 3.95 6.76
N VAL B 125 -4.37 4.61 5.59
CA VAL B 125 -5.56 5.01 4.76
C VAL B 125 -6.25 3.75 4.26
N LYS B 126 -5.58 2.70 3.94
CA LYS B 126 -6.29 1.43 3.49
C LYS B 126 -7.22 0.94 4.60
N ILE B 127 -6.74 0.96 5.82
CA ILE B 127 -7.57 0.41 6.92
C ILE B 127 -8.65 1.39 7.24
N ILE B 128 -8.42 2.69 7.27
CA ILE B 128 -9.45 3.66 7.55
C ILE B 128 -10.57 3.57 6.47
N ARG B 129 -10.16 3.45 5.20
CA ARG B 129 -11.21 3.38 4.14
C ARG B 129 -11.91 2.05 4.27
N LYS B 130 -11.28 0.94 4.66
CA LYS B 130 -12.01 -0.39 4.79
C LYS B 130 -12.97 -0.28 5.96
N GLU B 131 -12.53 0.28 7.08
CA GLU B 131 -13.36 0.10 8.31
C GLU B 131 -14.26 1.28 8.44
N LYS B 132 -14.07 2.46 7.85
CA LYS B 132 -14.94 3.63 7.95
C LYS B 132 -15.21 4.02 9.41
N PRO B 133 -14.19 4.18 10.24
CA PRO B 133 -14.44 4.51 11.64
C PRO B 133 -14.99 5.88 11.79
N ASP B 134 -15.78 6.10 12.88
CA ASP B 134 -16.23 7.44 13.22
C ASP B 134 -15.14 8.27 13.88
N GLY B 135 -14.33 7.55 14.68
CA GLY B 135 -13.28 8.25 15.46
C GLY B 135 -11.97 7.48 15.31
N VAL B 136 -10.91 8.31 15.44
CA VAL B 136 -9.52 7.72 15.51
C VAL B 136 -8.75 8.37 16.66
N PHE B 137 -8.13 7.51 17.45
CA PHE B 137 -7.30 7.93 18.52
C PHE B 137 -5.84 7.62 18.17
N ALA B 138 -4.97 8.56 18.60
CA ALA B 138 -3.49 8.34 18.39
C ALA B 138 -2.70 9.19 19.36
N PRO B 139 -1.42 8.89 19.53
CA PRO B 139 -0.61 9.77 20.41
C PRO B 139 -0.49 11.21 19.93
N ASP B 140 -0.43 12.17 20.85
CA ASP B 140 -0.18 13.55 20.47
C ASP B 140 1.29 13.68 20.10
N PRO B 141 1.59 13.95 18.81
CA PRO B 141 3.02 14.00 18.44
C PRO B 141 3.74 15.23 18.92
N TRP B 142 3.01 16.13 19.47
CA TRP B 142 3.64 17.36 20.06
C TRP B 142 3.83 17.29 21.57
N LEU B 143 3.75 16.08 22.11
CA LEU B 143 4.03 15.92 23.61
C LEU B 143 5.45 16.44 23.91
N PRO B 144 5.60 17.38 24.87
CA PRO B 144 6.98 17.86 25.08
C PRO B 144 7.92 16.74 25.56
N TYR B 145 9.15 16.77 25.08
CA TYR B 145 10.25 15.90 25.44
C TYR B 145 9.97 14.45 25.03
N GLU B 146 8.96 14.20 24.14
CA GLU B 146 8.83 12.83 23.69
C GLU B 146 10.00 12.39 22.85
N SER B 147 10.79 11.39 23.26
CA SER B 147 12.03 11.09 22.58
C SER B 147 11.98 9.79 21.77
N HIS B 148 10.78 9.18 21.70
CA HIS B 148 10.78 7.91 20.92
C HIS B 148 10.24 8.27 19.47
N PRO B 149 11.08 8.07 18.48
CA PRO B 149 10.56 8.44 17.11
C PRO B 149 9.32 7.62 16.73
N ASP B 150 9.22 6.34 17.22
CA ASP B 150 8.00 5.61 16.80
C ASP B 150 6.75 6.32 17.31
N HIS B 151 6.84 6.93 18.53
CA HIS B 151 5.64 7.65 19.06
C HIS B 151 5.35 8.92 18.25
N ARG B 152 6.37 9.75 17.99
CA ARG B 152 6.13 11.02 17.26
C ARG B 152 5.56 10.66 15.87
N ARG B 153 6.26 9.69 15.25
CA ARG B 153 5.81 9.33 13.83
C ARG B 153 4.37 8.79 13.83
N THR B 154 3.99 7.94 14.82
CA THR B 154 2.64 7.45 14.80
C THR B 154 1.68 8.57 14.91
N GLY B 155 1.87 9.57 15.80
CA GLY B 155 0.91 10.65 15.92
C GLY B 155 0.76 11.46 14.62
N PHE B 156 1.91 11.85 14.07
CA PHE B 156 1.83 12.66 12.82
C PHE B 156 1.20 11.84 11.71
N LEU B 157 1.63 10.60 11.52
CA LEU B 157 1.11 9.76 10.38
C LEU B 157 -0.38 9.53 10.60
N ALA B 158 -0.85 9.38 11.85
CA ALA B 158 -2.28 9.14 12.03
C ALA B 158 -3.09 10.37 11.67
N ILE B 159 -2.68 11.57 12.04
CA ILE B 159 -3.35 12.80 11.75
C ILE B 159 -3.38 13.01 10.24
N GLU B 160 -2.22 12.83 9.61
CA GLU B 160 -2.15 13.01 8.12
C GLU B 160 -3.02 11.98 7.44
N SER B 161 -3.03 10.74 7.89
CA SER B 161 -3.75 9.68 7.18
C SER B 161 -5.25 9.96 7.36
N VAL B 162 -5.70 10.41 8.51
CA VAL B 162 -7.17 10.72 8.60
C VAL B 162 -7.48 11.81 7.55
N ALA B 163 -6.65 12.83 7.40
CA ALA B 163 -6.99 13.87 6.40
C ALA B 163 -6.95 13.23 5.02
N PHE B 164 -5.90 12.44 4.70
CA PHE B 164 -5.71 12.05 3.29
C PHE B 164 -6.61 10.92 2.86
N SER B 165 -7.27 10.26 3.82
CA SER B 165 -8.23 9.17 3.48
C SER B 165 -9.43 9.79 2.75
N GLN B 166 -9.62 11.06 2.87
CA GLN B 166 -10.84 11.67 2.13
C GLN B 166 -10.46 12.04 0.70
N LEU B 167 -9.22 11.84 0.29
CA LEU B 167 -8.81 12.44 -1.01
C LEU B 167 -8.68 11.36 -2.00
N PRO B 168 -9.48 11.29 -3.11
CA PRO B 168 -9.46 10.13 -4.02
C PRO B 168 -8.16 9.98 -4.88
N ASN B 169 -7.39 11.08 -4.98
CA ASN B 169 -6.13 10.94 -5.66
C ASN B 169 -5.00 10.51 -4.75
N PHE B 170 -5.31 10.37 -3.42
CA PHE B 170 -4.27 9.84 -2.51
C PHE B 170 -4.48 8.34 -2.45
N SER B 171 -3.40 7.57 -2.69
CA SER B 171 -3.55 6.11 -2.76
C SER B 171 -4.69 5.63 -3.62
N ASN B 172 -4.58 6.01 -4.91
CA ASN B 172 -5.75 5.94 -5.72
C ASN B 172 -6.03 4.48 -6.08
N ILE B 173 -5.17 3.48 -5.93
CA ILE B 173 -5.53 2.12 -6.29
C ILE B 173 -6.58 1.61 -5.28
N ASP B 174 -6.67 2.20 -4.06
CA ASP B 174 -7.72 1.77 -3.12
C ASP B 174 -9.07 2.04 -3.77
N ILE B 175 -9.25 3.19 -4.40
CA ILE B 175 -10.57 3.61 -5.02
C ILE B 175 -10.77 2.64 -6.14
N ASP B 176 -9.69 2.29 -6.89
CA ASP B 176 -9.89 1.39 -8.02
C ASP B 176 -10.31 0.00 -7.65
N ILE B 177 -9.97 -0.49 -6.45
CA ILE B 177 -10.38 -1.83 -6.00
C ILE B 177 -11.59 -1.76 -5.13
N GLY B 178 -12.17 -0.60 -4.96
CA GLY B 178 -13.50 -0.43 -4.29
C GLY B 178 -13.51 0.08 -2.86
N LEU B 179 -12.35 0.51 -2.36
CA LEU B 179 -12.23 1.19 -1.05
C LEU B 179 -12.40 2.67 -1.30
N LYS B 180 -13.56 3.17 -1.01
CA LYS B 180 -13.88 4.52 -1.31
C LYS B 180 -13.23 5.52 -0.28
N PRO B 181 -13.17 6.80 -0.58
CA PRO B 181 -12.71 7.83 0.35
C PRO B 181 -13.59 7.77 1.59
N HIS B 182 -13.04 8.01 2.76
CA HIS B 182 -13.79 8.04 4.02
C HIS B 182 -13.43 9.28 4.80
N SER B 183 -14.41 9.96 5.41
CA SER B 183 -14.24 11.11 6.24
C SER B 183 -14.53 10.76 7.71
N VAL B 184 -13.47 10.64 8.52
CA VAL B 184 -13.64 10.37 9.97
C VAL B 184 -14.26 11.57 10.61
N SER B 185 -15.09 11.32 11.65
CA SER B 185 -15.73 12.44 12.36
C SER B 185 -14.92 13.14 13.45
N PHE B 186 -14.07 12.37 14.18
CA PHE B 186 -13.20 13.10 15.14
C PHE B 186 -11.90 12.32 15.23
N ILE B 187 -10.90 13.13 15.62
CA ILE B 187 -9.62 12.57 16.07
C ILE B 187 -9.53 12.93 17.56
N ALA B 188 -8.98 12.02 18.36
CA ALA B 188 -8.62 12.41 19.74
C ALA B 188 -7.19 11.93 20.02
N LEU B 189 -6.41 12.85 20.57
CA LEU B 189 -4.93 12.53 20.80
C LEU B 189 -4.82 12.18 22.27
N TYR B 190 -4.23 11.03 22.52
CA TYR B 190 -3.87 10.65 23.93
C TYR B 190 -2.41 10.86 24.20
N TYR B 191 -1.87 10.48 25.35
CA TYR B 191 -0.51 10.86 25.69
C TYR B 191 -0.26 12.33 25.46
N THR B 192 -1.11 13.17 26.08
CA THR B 192 -1.05 14.62 25.74
C THR B 192 -0.79 15.45 26.98
N HIS B 193 -0.02 16.53 26.84
CA HIS B 193 0.17 17.55 27.90
C HIS B 193 -0.96 18.60 27.84
N LYS B 194 -1.72 18.62 26.74
CA LYS B 194 -2.74 19.69 26.58
C LYS B 194 -4.06 19.06 26.34
N PRO B 195 -4.57 18.26 27.32
CA PRO B 195 -5.88 17.70 27.11
C PRO B 195 -6.98 18.78 27.23
N ASN B 196 -8.06 18.53 26.50
CA ASN B 196 -9.25 19.44 26.68
C ASN B 196 -10.48 18.62 26.93
N TYR B 197 -10.38 17.31 26.99
CA TYR B 197 -11.49 16.43 27.37
C TYR B 197 -10.95 15.34 28.29
N ILE B 198 -11.50 15.13 29.51
CA ILE B 198 -10.93 14.13 30.41
C ILE B 198 -12.06 13.13 30.74
N VAL B 199 -11.74 11.84 30.63
CA VAL B 199 -12.67 10.77 30.97
C VAL B 199 -12.30 10.29 32.40
N ASP B 200 -13.40 10.23 33.27
CA ASP B 200 -13.11 9.73 34.64
C ASP B 200 -13.06 8.22 34.55
N ILE B 201 -11.94 7.66 34.93
CA ILE B 201 -11.74 6.25 34.91
C ILE B 201 -11.53 5.66 36.35
N THR B 202 -11.90 6.49 37.34
CA THR B 202 -11.65 6.04 38.75
C THR B 202 -12.13 4.62 39.05
N ASP B 203 -13.32 4.24 38.59
CA ASP B 203 -13.76 2.86 38.95
C ASP B 203 -13.23 1.76 38.04
N LEU B 204 -12.50 2.16 36.95
CA LEU B 204 -11.87 1.17 36.06
C LEU B 204 -10.38 1.14 36.15
N MSE B 205 -9.79 1.81 37.16
CA MSE B 205 -8.39 1.84 37.26
C MSE B 205 -7.74 0.48 37.46
O MSE B 205 -6.69 0.12 36.89
CB MSE B 205 -7.99 2.82 38.37
CG MSE B 205 -6.51 2.90 38.61
SE MSE B 205 -5.60 3.73 37.01
CE MSE B 205 -3.91 4.28 37.96
N GLU B 206 -8.30 -0.35 38.39
CA GLU B 206 -7.72 -1.63 38.60
C GLU B 206 -7.78 -2.55 37.33
N LEU B 207 -8.84 -2.43 36.55
CA LEU B 207 -8.97 -3.19 35.32
C LEU B 207 -7.88 -2.65 34.31
N LYS B 208 -7.78 -1.33 34.27
CA LYS B 208 -6.73 -0.78 33.35
C LYS B 208 -5.44 -1.32 33.73
N LEU B 209 -5.02 -1.33 35.03
CA LEU B 209 -3.72 -1.82 35.36
C LEU B 209 -3.55 -3.31 35.08
N LYS B 210 -4.66 -4.07 35.24
CA LYS B 210 -4.60 -5.49 34.87
C LYS B 210 -4.30 -5.72 33.32
N ALA B 211 -5.00 -4.89 32.58
CA ALA B 211 -4.78 -4.94 31.10
C ALA B 211 -3.37 -4.53 30.74
N ILE B 212 -2.76 -3.56 31.45
CA ILE B 212 -1.34 -3.26 31.22
C ILE B 212 -0.41 -4.39 31.59
N ARG B 213 -0.65 -4.99 32.81
CA ARG B 213 0.22 -6.02 33.27
C ARG B 213 0.14 -7.32 32.49
N ALA B 214 -0.95 -7.45 31.68
CA ALA B 214 -1.02 -8.57 30.76
C ALA B 214 0.16 -8.60 29.72
N HIS B 215 0.79 -7.37 29.58
CA HIS B 215 2.02 -7.32 28.75
C HIS B 215 3.19 -7.66 29.67
N ARG B 216 3.21 -8.92 30.06
CA ARG B 216 4.16 -9.34 31.11
C ARG B 216 5.59 -9.14 30.74
N SER B 217 5.96 -9.32 29.44
CA SER B 217 7.31 -9.20 29.00
C SER B 217 7.85 -7.72 29.26
N GLN B 218 6.94 -6.76 29.33
CA GLN B 218 7.38 -5.36 29.47
C GLN B 218 7.34 -5.01 30.96
N PHE B 219 6.44 -5.64 31.65
CA PHE B 219 6.14 -5.16 33.11
C PHE B 219 6.43 -6.28 34.06
N THR B 220 7.71 -6.52 34.20
CA THR B 220 8.13 -7.43 35.25
C THR B 220 7.91 -6.74 36.59
N ASP B 221 7.91 -7.55 37.70
CA ASP B 221 7.61 -6.89 38.99
C ASP B 221 8.63 -5.80 39.27
N ASP B 222 9.90 -6.00 38.93
CA ASP B 222 10.89 -4.94 39.20
C ASP B 222 10.51 -3.59 38.49
N ILE B 223 10.14 -3.75 37.17
CA ILE B 223 9.81 -2.60 36.41
C ILE B 223 8.52 -1.92 36.92
N TRP B 224 7.56 -2.79 37.38
CA TRP B 224 6.31 -2.31 37.90
C TRP B 224 6.47 -1.40 39.16
N GLU B 225 7.55 -1.68 39.95
CA GLU B 225 7.81 -0.79 41.06
C GLU B 225 7.98 0.66 40.75
N THR B 226 8.36 0.93 39.45
CA THR B 226 8.40 2.32 38.95
C THR B 226 7.20 2.67 38.14
N TRP B 227 6.72 1.67 37.38
CA TRP B 227 5.57 1.98 36.50
C TRP B 227 4.22 2.16 37.13
N GLU B 228 3.88 1.39 38.25
CA GLU B 228 2.61 1.73 38.92
C GLU B 228 2.62 3.11 39.47
N PRO B 229 3.67 3.52 40.19
CA PRO B 229 3.70 4.97 40.64
C PRO B 229 3.55 6.02 39.45
N PHE B 230 4.25 5.67 38.38
CA PHE B 230 4.12 6.58 37.20
C PHE B 230 2.72 6.63 36.65
N LEU B 231 2.13 5.45 36.45
CA LEU B 231 0.80 5.42 35.87
C LEU B 231 -0.21 6.07 36.79
N ARG B 232 -0.16 5.83 38.15
CA ARG B 232 -1.08 6.51 38.98
C ARG B 232 -0.82 8.02 39.04
N THR B 233 0.45 8.49 38.95
CA THR B 233 0.73 9.93 38.90
C THR B 233 0.07 10.60 37.64
N VAL B 234 0.23 9.84 36.48
CA VAL B 234 -0.37 10.39 35.24
C VAL B 234 -1.86 10.46 35.33
N THR B 235 -2.48 9.39 35.83
CA THR B 235 -3.99 9.42 35.88
C THR B 235 -4.52 10.47 36.92
N MSE B 236 -3.71 10.77 37.95
CA MSE B 236 -4.08 11.86 38.88
C MSE B 236 -3.92 13.21 38.21
O MSE B 236 -4.68 14.14 38.36
CB MSE B 236 -3.24 11.79 40.17
CG MSE B 236 -3.61 10.48 40.79
SE MSE B 236 -2.47 10.23 42.47
CE MSE B 236 -3.25 11.63 43.37
N PHE B 237 -2.85 13.34 37.40
CA PHE B 237 -2.66 14.56 36.63
C PHE B 237 -3.89 14.90 35.80
N TYR B 238 -4.42 13.90 35.10
CA TYR B 238 -5.64 14.12 34.34
C TYR B 238 -6.90 14.26 35.17
N GLY B 239 -6.99 13.32 36.13
CA GLY B 239 -8.28 13.38 36.94
C GLY B 239 -8.40 14.70 37.73
N GLU B 240 -7.29 15.23 38.26
CA GLU B 240 -7.39 16.49 39.07
C GLU B 240 -8.00 17.62 38.24
N LYS B 241 -7.86 17.59 36.89
CA LYS B 241 -8.37 18.70 36.05
C LYS B 241 -9.89 18.74 36.04
N ILE B 242 -10.57 17.63 36.35
CA ILE B 242 -12.04 17.63 36.38
C ILE B 242 -12.52 17.24 37.80
N GLY B 243 -11.60 17.30 38.73
CA GLY B 243 -12.06 17.05 40.18
C GLY B 243 -12.34 15.59 40.49
N VAL B 244 -11.74 14.61 39.81
CA VAL B 244 -11.91 13.20 40.03
C VAL B 244 -10.54 12.55 40.36
N ARG B 245 -10.58 11.36 40.95
CA ARG B 245 -9.35 10.73 41.38
C ARG B 245 -8.43 10.39 40.12
N TYR B 246 -9.01 9.63 39.21
CA TYR B 246 -8.16 9.11 38.08
C TYR B 246 -8.95 9.45 36.80
N GLY B 247 -8.11 9.98 35.89
CA GLY B 247 -8.68 10.43 34.58
C GLY B 247 -7.73 10.00 33.43
N GLU B 248 -8.35 9.90 32.25
CA GLU B 248 -7.52 9.81 30.99
C GLU B 248 -7.83 11.05 30.17
N GLY B 249 -6.74 11.70 29.68
CA GLY B 249 -6.94 12.92 28.92
C GLY B 249 -6.77 12.79 27.41
N PHE B 250 -7.54 13.61 26.74
CA PHE B 250 -7.48 13.62 25.27
C PHE B 250 -7.51 15.05 24.85
N ARG B 251 -6.87 15.27 23.68
CA ARG B 251 -6.97 16.59 23.01
C ARG B 251 -7.75 16.38 21.74
N VAL B 252 -8.85 17.14 21.67
CA VAL B 252 -9.73 17.17 20.50
C VAL B 252 -9.81 18.58 19.93
N MSE B 253 -9.73 18.71 18.58
CA MSE B 253 -9.81 20.06 18.05
C MSE B 253 -10.67 19.91 16.74
O MSE B 253 -10.74 18.85 16.13
CB MSE B 253 -8.44 20.56 17.51
CG MSE B 253 -7.45 20.63 18.71
SE MSE B 253 -5.85 21.68 18.19
CE MSE B 253 -5.15 20.39 16.89
N PRO B 254 -11.24 20.99 16.25
CA PRO B 254 -11.88 20.99 14.94
C PRO B 254 -10.76 20.63 13.91
N GLY B 255 -11.19 19.99 12.84
CA GLY B 255 -10.22 19.53 11.80
C GLY B 255 -9.47 20.75 11.29
N LEU B 256 -10.13 21.94 11.11
CA LEU B 256 -9.48 23.08 10.63
C LEU B 256 -8.26 23.47 11.42
N PHE B 257 -8.26 23.20 12.72
CA PHE B 257 -7.30 23.80 13.59
C PHE B 257 -5.94 23.03 13.46
N TYR B 258 -5.89 21.89 12.77
CA TYR B 258 -4.61 21.15 12.50
C TYR B 258 -3.87 21.77 11.39
N HIS B 259 -4.28 22.96 10.93
CA HIS B 259 -3.57 23.53 9.75
C HIS B 259 -3.68 25.02 9.72
N ILE B 260 -2.58 25.71 9.55
CA ILE B 260 -2.54 27.20 9.41
C ILE B 260 -3.46 27.94 10.41
N THR B 261 -3.50 27.51 11.68
CA THR B 261 -4.44 28.19 12.60
C THR B 261 -3.54 28.76 13.73
N PRO B 262 -3.43 30.09 13.75
CA PRO B 262 -2.48 30.65 14.71
C PRO B 262 -2.98 30.72 16.13
N PHE B 263 -4.23 30.39 16.36
CA PHE B 263 -4.80 30.42 17.73
C PHE B 263 -5.29 29.04 18.12
N ALA B 264 -4.70 27.97 17.51
CA ALA B 264 -5.13 26.63 17.88
C ALA B 264 -4.77 26.30 19.36
N ASP B 265 -3.77 26.96 19.94
CA ASP B 265 -3.56 26.74 21.37
C ASP B 265 -4.52 27.39 22.31
N LEU B 266 -5.55 28.07 21.79
CA LEU B 266 -6.63 28.67 22.68
C LEU B 266 -7.67 27.70 23.02
N ILE B 267 -7.69 26.48 22.47
CA ILE B 267 -8.54 25.42 23.03
C ILE B 267 -7.69 24.30 23.67
CD CD C . 8.44 3.27 -22.17
CD CD D . 7.63 8.55 -44.38
CA CA E . 24.57 -21.31 -20.10
CL CL F . 17.37 1.09 -12.29
CL CL G . 9.00 7.77 -46.33
CL CL H . 6.68 10.78 -45.25
CL CL I . 5.34 7.39 -44.90
C TAM J . 19.31 -0.19 -7.20
C1 TAM J . 19.99 1.14 -7.61
C2 TAM J . 19.28 -0.56 -5.70
C3 TAM J . 17.81 -0.15 -7.37
C4 TAM J . 21.52 0.89 -7.41
C5 TAM J . 19.72 -2.06 -5.67
C6 TAM J . 17.62 0.41 -8.77
N TAM J . 19.90 -1.19 -8.12
O4 TAM J . 21.57 1.01 -5.99
O5 TAM J . 18.80 -3.16 -5.92
O6 TAM J . 18.67 1.26 -9.18
C TAM K . 8.45 4.71 -25.13
C1 TAM K . 9.37 5.79 -24.67
C2 TAM K . 8.92 3.36 -25.48
C3 TAM K . 7.67 5.18 -26.29
C4 TAM K . 10.61 5.09 -24.32
C5 TAM K . 9.72 2.98 -24.20
C6 TAM K . 6.95 6.40 -26.06
N TAM K . 7.51 4.49 -23.84
O4 TAM K . 10.16 4.91 -22.85
O5 TAM K . 9.68 1.75 -24.50
O6 TAM K . 7.55 7.68 -25.59
O1 HEZ L . 20.19 0.23 -11.08
C1 HEZ L . 20.77 -0.39 -12.27
C2 HEZ L . 20.14 -1.78 -12.57
C3 HEZ L . 20.89 -2.32 -13.74
C4 HEZ L . 20.37 -3.76 -14.01
C5 HEZ L . 20.83 -4.20 -15.44
C6 HEZ L . 20.29 -5.65 -15.76
O6 HEZ L . 20.91 -6.08 -17.06
O1 HEZ M . 13.95 -18.71 -30.60
C1 HEZ M . 12.67 -18.11 -30.44
C2 HEZ M . 11.71 -19.25 -30.43
C3 HEZ M . 11.91 -20.15 -31.64
C4 HEZ M . 10.75 -21.10 -31.42
C5 HEZ M . 9.72 -20.16 -30.82
C6 HEZ M . 8.37 -20.79 -30.48
O6 HEZ M . 7.29 -19.87 -30.71
O1 HEZ N . 15.94 -13.06 -35.65
C1 HEZ N . 16.42 -12.76 -36.93
C2 HEZ N . 17.91 -13.12 -36.94
C3 HEZ N . 18.64 -12.40 -35.81
C4 HEZ N . 20.02 -13.02 -35.78
C5 HEZ N . 20.92 -12.27 -34.84
C6 HEZ N . 22.13 -13.16 -34.53
O6 HEZ N . 22.99 -13.03 -35.67
CAA HE2 O . -10.62 2.54 -23.13
CAC HE2 O . -9.98 1.77 -21.81
CAE HE2 O . -10.66 2.37 -20.54
CAG HE2 O . -9.78 2.39 -19.27
CAF HE2 O . -10.61 2.85 -18.09
CAD HE2 O . -9.80 2.60 -16.86
OAB HE2 O . -10.08 1.39 -16.22
O1 HEZ P . 13.68 8.53 -8.71
C1 HEZ P . 13.02 7.34 -8.25
C2 HEZ P . 12.08 7.58 -7.04
C3 HEZ P . 12.88 6.98 -5.81
C4 HEZ P . 13.94 6.16 -6.64
C5 HEZ P . 14.95 5.27 -5.93
C6 HEZ P . 14.14 4.08 -5.64
O6 HEZ P . 13.33 3.96 -4.57
O1 HEZ Q . 13.58 12.47 -29.41
C1 HEZ Q . 13.83 11.09 -29.71
C2 HEZ Q . 12.59 10.43 -30.31
C3 HEZ Q . 11.38 10.47 -29.37
C4 HEZ Q . 11.04 9.07 -28.83
C5 HEZ Q . 9.73 8.44 -29.34
C6 HEZ Q . 8.61 9.26 -28.76
O6 HEZ Q . 8.10 8.32 -27.77
O1 HEZ R . 5.11 -26.20 -12.18
C1 HEZ R . 6.30 -25.40 -12.06
C2 HEZ R . 6.39 -24.23 -13.08
C3 HEZ R . 7.16 -24.57 -14.36
C4 HEZ R . 6.50 -24.67 -15.77
C5 HEZ R . 5.20 -23.82 -16.12
C6 HEZ R . 5.18 -23.17 -17.52
O6 HEZ R . 4.86 -24.08 -18.63
O1 HEZ S . 5.97 -18.32 -15.57
C1 HEZ S . 6.44 -18.20 -14.19
C2 HEZ S . 5.28 -18.56 -13.29
C3 HEZ S . 5.13 -17.37 -12.50
C4 HEZ S . 5.65 -17.72 -11.16
C5 HEZ S . 4.31 -18.00 -10.49
C6 HEZ S . 3.91 -17.74 -8.98
O6 HEZ S . 2.58 -18.46 -8.69
O1 HEZ T . 10.22 -10.64 -41.84
C1 HEZ T . 11.43 -11.39 -41.51
C2 HEZ T . 11.97 -12.48 -42.53
C3 HEZ T . 10.77 -13.42 -42.96
C4 HEZ T . 10.59 -14.75 -42.19
C5 HEZ T . 11.61 -15.82 -42.79
C6 HEZ T . 11.85 -17.19 -42.08
O6 HEZ T . 13.00 -17.45 -41.14
O1 HEZ U . 8.01 -14.65 -9.94
C1 HEZ U . 8.50 -15.90 -10.44
C2 HEZ U . 9.41 -16.42 -9.44
C3 HEZ U . 10.09 -15.11 -9.05
C4 HEZ U . 11.14 -15.31 -8.01
C5 HEZ U . 11.42 -13.96 -7.26
C6 HEZ U . 12.55 -14.42 -6.40
O6 HEZ U . 12.24 -15.70 -5.70
CD CD V . 5.22 2.73 23.20
CD CD W . 5.72 -2.69 45.38
CA CA X . -1.74 31.33 21.83
CL CL Y . 10.83 11.30 14.44
CL CL Z . 6.62 -4.94 46.26
CL CL AA . 3.26 -3.62 45.52
CL CL BA . 5.80 -1.25 47.45
C TAM CA . 12.41 14.17 9.57
C1 TAM CA . 13.93 13.98 9.44
C2 TAM CA . 12.34 15.20 8.50
C3 TAM CA . 11.72 12.94 8.95
C4 TAM CA . 14.68 14.75 10.55
C5 TAM CA . 10.87 15.54 8.22
C6 TAM CA . 10.66 12.41 9.87
N TAM CA . 11.84 14.84 10.84
O4 TAM CA . 15.06 16.15 10.23
O5 TAM CA . 9.86 14.57 8.60
O6 TAM CA . 11.45 12.07 11.00
C TAM DA . 5.89 1.64 26.21
C1 TAM DA . 5.20 2.85 26.71
C2 TAM DA . 5.47 0.71 27.28
C3 TAM DA . 7.40 1.62 26.08
C4 TAM DA . 4.54 3.92 25.93
C5 TAM DA . 6.00 -0.62 27.15
C6 TAM DA . 7.73 2.97 25.70
N TAM DA . 5.27 1.16 24.82
O4 TAM DA . 5.60 3.82 25.25
O5 TAM DA . 6.84 -1.12 26.17
O6 TAM DA . 7.47 2.85 24.17
O1 HEZ EA . -13.04 13.81 7.86
C1 HEZ EA . -11.57 13.87 7.86
C2 HEZ EA . -11.07 15.03 8.80
C3 HEZ EA . -11.42 14.76 10.30
C4 HEZ EA . -10.81 15.73 11.32
C5 HEZ EA . -11.55 15.43 12.64
C6 HEZ EA . -10.87 16.26 13.77
O6 HEZ EA . -11.43 15.96 15.12
O1 HEZ FA . -7.34 21.83 32.50
C1 HEZ FA . -7.42 21.41 31.12
C2 HEZ FA . -8.88 21.30 30.84
C3 HEZ FA . -9.31 19.86 30.79
C4 HEZ FA . -10.83 19.98 30.54
C5 HEZ FA . -11.71 18.82 30.97
C6 HEZ FA . -13.11 18.58 30.33
O6 HEZ FA . -13.56 17.17 30.23
O1 HEZ GA . 7.38 18.47 19.24
C1 HEZ GA . 7.46 17.77 17.92
C2 HEZ GA . 8.91 17.21 17.73
C3 HEZ GA . 9.11 16.75 16.25
C4 HEZ GA . 10.51 16.08 16.12
C5 HEZ GA . 10.57 15.25 14.87
C6 HEZ GA . 12.07 14.85 14.74
O6 HEZ GA . 12.29 13.98 13.56
O1 HEZ HA . 11.67 10.50 6.84
C1 HEZ HA . 11.97 9.27 6.13
C2 HEZ HA . 12.25 8.48 7.42
C3 HEZ HA . 11.73 7.12 7.58
C4 HEZ HA . 12.77 6.09 8.51
C5 HEZ HA . 12.96 4.64 7.94
C6 HEZ HA . 12.70 3.49 9.04
O6 HEZ HA . 12.65 2.17 8.43
O1 HEZ IA . 15.19 4.44 29.58
C1 HEZ IA . 15.38 5.88 29.56
C2 HEZ IA . 16.22 6.44 28.35
C3 HEZ IA . 16.10 7.98 28.05
C4 HEZ IA . 15.74 8.27 26.55
C5 HEZ IA . 14.33 7.77 25.91
C6 HEZ IA . 14.23 7.49 24.36
O6 HEZ IA . 12.96 6.79 24.10
O1 HEZ JA . -7.87 -9.20 14.77
C1 HEZ JA . -6.87 -9.79 15.57
C2 HEZ JA . -7.32 -10.70 16.68
C3 HEZ JA . -7.36 -9.82 17.93
C4 HEZ JA . -7.96 -10.54 19.11
C5 HEZ JA . -8.20 -9.40 20.12
C6 HEZ JA . -8.84 -9.97 21.40
O6 HEZ JA . -8.04 -11.12 21.83
CAA HE2 KA . -4.18 8.29 32.18
CAC HE2 KA . -3.19 7.79 31.04
CAE HE2 KA . -2.05 6.92 31.65
CAG HE2 KA . -0.70 6.69 30.94
CAF HE2 KA . 0.71 6.88 31.48
CAD HE2 KA . 1.58 7.49 30.32
OAB HE2 KA . 1.45 8.81 30.18
O1 HEZ LA . 18.95 -10.41 22.71
C1 HEZ LA . 19.76 -11.12 21.62
C2 HEZ LA . 19.03 -12.25 20.81
C3 HEZ LA . 19.60 -13.62 20.48
C4 HEZ LA . 18.82 -14.85 21.08
C5 HEZ LA . 18.86 -16.19 20.38
C6 HEZ LA . 17.68 -17.13 20.75
O6 HEZ LA . 16.82 -17.44 19.60
O1 HEZ MA . 16.10 1.63 26.90
C1 HEZ MA . 14.78 2.23 26.70
C2 HEZ MA . 13.80 1.30 25.89
C3 HEZ MA . 13.31 1.71 24.49
C4 HEZ MA . 12.21 0.62 24.21
C5 HEZ MA . 12.39 -0.69 23.35
C6 HEZ MA . 12.22 0.01 21.93
O6 HEZ MA . 11.02 0.73 21.62
O1 HEZ NA . -14.03 18.93 12.75
C1 HEZ NA . -14.95 20.14 12.44
C2 HEZ NA . -15.03 21.14 13.58
C3 HEZ NA . -15.67 20.72 14.95
C4 HEZ NA . -15.62 19.19 15.33
C5 HEZ NA . -16.44 18.74 16.58
C6 HEZ NA . -17.31 17.50 16.30
O6 HEZ NA . -17.77 17.48 14.92
O1 HEZ OA . 14.36 -0.38 8.82
C1 HEZ OA . 13.95 -1.74 8.55
C2 HEZ OA . 12.91 -2.20 9.56
C3 HEZ OA . 11.95 -3.36 9.22
C4 HEZ OA . 10.52 -2.77 9.57
C5 HEZ OA . 10.27 -1.36 9.87
C6 HEZ OA . 10.13 -0.42 8.75
O6 HEZ OA . 11.46 -0.12 8.87
O1 HEZ PA . 6.71 25.86 30.63
C1 HEZ PA . 5.97 26.25 29.46
C2 HEZ PA . 6.80 25.83 28.24
C3 HEZ PA . 7.63 24.55 28.54
C4 HEZ PA . 8.40 24.15 27.30
C5 HEZ PA . 7.96 22.85 26.64
C6 HEZ PA . 9.31 22.18 26.33
O6 HEZ PA . 9.63 21.76 24.98
O1 HEZ QA . 1.49 23.73 37.61
C1 HEZ QA . 1.33 22.33 37.87
C2 HEZ QA . 0.54 21.77 36.68
C3 HEZ QA . -0.85 21.63 37.23
C4 HEZ QA . -1.15 20.16 37.13
C5 HEZ QA . -2.37 19.97 38.00
C6 HEZ QA . -2.85 18.54 37.80
O6 HEZ QA . -3.52 18.57 36.58
#